data_3VVP
#
_entry.id   3VVP
#
_cell.length_a   122.368
_cell.length_b   122.368
_cell.length_c   110.384
_cell.angle_alpha   90.000
_cell.angle_beta   90.000
_cell.angle_gamma   120.000
#
_symmetry.space_group_name_H-M   'P 6'
#
loop_
_entity.id
_entity.type
_entity.pdbx_description
1 polymer 'Putative uncharacterized protein'
2 non-polymer '6-bromo-1-ethyl-4-oxo-7-(piperazin-1-yl)-1,4-dihydroquinoline-3-carboxylic acid'
3 water water
#
_entity_poly.entity_id   1
_entity_poly.type   'polypeptide(L)'
_entity_poly.pdbx_seq_one_letter_code
;MSEKTTKGVQLLRGDPKKAIVRLSIPMMIGMSVQTLYNLADGIWVSGLGPESLAAVGLFFPVFMGIIALAAGLGVGTSSA
IARRIGARDKEGADNVAVHSLILSLILGVTITITMLPAIDSLFRSMGAKGEAVELAIEYARVLLAGAFIIVFNNVGNGIL
RGEGDANRAMLAMVLGSGLNIVLDPIFIYTLGFGVVGAAYATLLSMVVTSLFIAYWLFVKRDTYVDITLRDFSPSREILK
DILRVGLPSSLSQLSMSIAMFFLNSVAITAGGENGVAVFTSAWRITMLGIVPILGMAAATTSVTGAAYGERNVEKLETAY
LYAIKIAFMIELAVVAFIMLFAPQVAYLFTYSESAQVIKGDLISALRTLPVFLVLTPFGMMTSAMFQGIGEGEKSLILTI
FRTLVMQVGFAYIFVHYTTLGLRGVWIGIVIGNMVAAIVGFLWGRMRISALKKTSATGGKR
;
_entity_poly.pdbx_strand_id   A,B
#
loop_
_chem_comp.id
_chem_comp.type
_chem_comp.name
_chem_comp.formula
BNU non-polymer '6-bromo-1-ethyl-4-oxo-7-(piperazin-1-yl)-1,4-dihydroquinoline-3-carboxylic acid' 'C16 H18 Br N3 O3'
#
# COMPACT_ATOMS: atom_id res chain seq x y z
N LYS A 4 -0.30 -1.81 -5.55
CA LYS A 4 -1.58 -1.12 -5.66
C LYS A 4 -1.57 0.19 -4.87
N THR A 5 -1.18 0.11 -3.60
CA THR A 5 -1.18 1.28 -2.73
C THR A 5 0.20 1.54 -2.12
N THR A 6 0.29 2.57 -1.28
CA THR A 6 1.54 2.97 -0.65
C THR A 6 1.23 3.73 0.64
N LYS A 7 2.13 3.63 1.62
CA LYS A 7 1.95 4.26 2.92
C LYS A 7 1.65 5.76 2.85
N GLY A 8 2.16 6.42 1.83
CA GLY A 8 1.89 7.83 1.61
C GLY A 8 0.50 8.08 1.04
N VAL A 9 0.07 7.20 0.13
CA VAL A 9 -1.24 7.33 -0.50
C VAL A 9 -2.36 6.87 0.43
N GLN A 10 -2.05 5.93 1.33
CA GLN A 10 -3.02 5.45 2.30
C GLN A 10 -3.20 6.46 3.42
N LEU A 11 -2.26 7.40 3.51
CA LEU A 11 -2.32 8.46 4.51
C LEU A 11 -3.18 9.61 4.02
N LEU A 12 -3.04 9.96 2.74
CA LEU A 12 -3.81 11.05 2.15
C LEU A 12 -5.29 10.71 2.01
N ARG A 13 -5.59 9.45 1.70
CA ARG A 13 -6.96 9.03 1.44
C ARG A 13 -7.73 8.71 2.70
N GLY A 14 -7.07 8.81 3.86
CA GLY A 14 -7.67 8.44 5.12
C GLY A 14 -7.93 9.61 6.05
N ASP A 15 -7.68 9.39 7.34
CA ASP A 15 -7.90 10.38 8.38
C ASP A 15 -7.07 11.64 8.13
N PRO A 16 -7.75 12.76 7.83
CA PRO A 16 -7.10 14.03 7.50
C PRO A 16 -6.30 14.62 8.66
N LYS A 17 -6.72 14.32 9.89
CA LYS A 17 -6.03 14.79 11.07
C LYS A 17 -4.69 14.08 11.23
N LYS A 18 -4.68 12.78 10.95
CA LYS A 18 -3.45 12.00 11.02
C LYS A 18 -2.52 12.36 9.87
N ALA A 19 -3.11 12.71 8.73
CA ALA A 19 -2.33 13.06 7.55
C ALA A 19 -1.58 14.37 7.75
N ILE A 20 -2.25 15.34 8.35
CA ILE A 20 -1.65 16.64 8.63
C ILE A 20 -0.42 16.50 9.52
N VAL A 21 -0.52 15.59 10.49
CA VAL A 21 0.58 15.39 11.45
C VAL A 21 1.70 14.53 10.88
N ARG A 22 1.34 13.35 10.36
CA ARG A 22 2.32 12.35 9.93
C ARG A 22 3.16 12.82 8.75
N LEU A 23 2.67 13.81 8.00
CA LEU A 23 3.38 14.30 6.82
C LEU A 23 4.16 15.58 7.09
N SER A 24 3.70 16.37 8.06
CA SER A 24 4.35 17.64 8.37
C SER A 24 5.66 17.44 9.11
N ILE A 25 5.68 16.50 10.05
CA ILE A 25 6.86 16.23 10.85
C ILE A 25 8.16 15.98 10.04
N PRO A 26 8.12 15.09 9.03
CA PRO A 26 9.33 14.91 8.24
C PRO A 26 9.69 16.16 7.45
N MET A 27 8.66 16.86 6.97
CA MET A 27 8.85 18.10 6.23
C MET A 27 9.50 19.18 7.10
N MET A 28 9.16 19.16 8.38
CA MET A 28 9.75 20.09 9.34
C MET A 28 11.25 19.89 9.51
N ILE A 29 11.66 18.65 9.67
CA ILE A 29 13.07 18.31 9.86
C ILE A 29 13.86 18.66 8.60
N GLY A 30 13.26 18.41 7.44
CA GLY A 30 13.90 18.75 6.17
C GLY A 30 14.09 20.24 6.02
N MET A 31 13.05 21.01 6.31
CA MET A 31 13.10 22.47 6.22
C MET A 31 14.07 23.05 7.25
N SER A 32 14.22 22.36 8.38
CA SER A 32 15.10 22.82 9.45
C SER A 32 16.55 22.85 8.99
N VAL A 33 16.99 21.77 8.36
CA VAL A 33 18.35 21.67 7.85
C VAL A 33 18.53 22.68 6.71
N GLN A 34 17.46 22.89 5.96
CA GLN A 34 17.48 23.83 4.85
C GLN A 34 17.71 25.25 5.33
N THR A 35 16.99 25.64 6.39
CA THR A 35 17.12 26.96 6.97
C THR A 35 18.48 27.13 7.63
N LEU A 36 18.96 26.06 8.27
CA LEU A 36 20.27 26.07 8.91
C LEU A 36 21.40 26.26 7.90
N TYR A 37 21.15 25.83 6.66
CA TYR A 37 22.09 26.08 5.58
C TYR A 37 22.13 27.56 5.21
N ASN A 38 20.95 28.14 5.03
CA ASN A 38 20.85 29.57 4.72
C ASN A 38 21.51 30.44 5.79
N LEU A 39 21.38 30.03 7.05
CA LEU A 39 22.00 30.74 8.15
C LEU A 39 23.52 30.63 8.05
N ALA A 40 24.01 29.42 7.80
CA ALA A 40 25.44 29.15 7.75
C ALA A 40 26.10 29.69 6.49
N ASP A 41 25.42 29.55 5.35
CA ASP A 41 25.95 30.02 4.07
C ASP A 41 26.12 31.53 4.05
N GLY A 42 25.21 32.23 4.74
CA GLY A 42 25.29 33.68 4.83
C GLY A 42 26.48 34.11 5.68
N ILE A 43 26.82 33.28 6.66
CA ILE A 43 27.92 33.59 7.57
C ILE A 43 29.27 33.45 6.86
N TRP A 44 29.45 32.36 6.12
CA TRP A 44 30.70 32.13 5.39
C TRP A 44 30.96 33.23 4.36
N VAL A 45 29.91 33.64 3.65
CA VAL A 45 30.01 34.73 2.69
C VAL A 45 30.37 36.03 3.40
N SER A 46 29.77 36.26 4.56
CA SER A 46 30.08 37.43 5.36
C SER A 46 31.50 37.35 5.94
N GLY A 47 32.29 38.37 5.69
CA GLY A 47 33.67 38.39 6.16
C GLY A 47 34.64 38.04 5.06
N LEU A 48 34.12 37.74 3.88
CA LEU A 48 34.96 37.46 2.72
C LEU A 48 35.42 38.75 2.08
N GLY A 49 34.86 39.87 2.54
CA GLY A 49 35.22 41.18 2.03
C GLY A 49 34.01 41.91 1.47
N PRO A 50 34.18 43.21 1.19
CA PRO A 50 33.11 44.02 0.61
C PRO A 50 32.94 43.76 -0.89
N GLU A 51 34.03 43.37 -1.55
CA GLU A 51 33.99 43.11 -2.98
C GLU A 51 33.18 41.85 -3.31
N SER A 52 33.34 40.81 -2.50
CA SER A 52 32.61 39.57 -2.71
C SER A 52 31.12 39.73 -2.40
N LEU A 53 30.81 40.54 -1.39
CA LEU A 53 29.42 40.83 -1.04
C LEU A 53 28.74 41.64 -2.14
N ALA A 54 29.52 42.48 -2.82
CA ALA A 54 29.00 43.25 -3.94
C ALA A 54 28.68 42.32 -5.10
N ALA A 55 29.44 41.23 -5.20
CA ALA A 55 29.21 40.23 -6.23
C ALA A 55 27.94 39.43 -5.94
N VAL A 56 27.63 39.29 -4.65
CA VAL A 56 26.42 38.58 -4.24
C VAL A 56 25.17 39.32 -4.72
N GLY A 57 25.10 40.62 -4.45
CA GLY A 57 23.97 41.42 -4.87
C GLY A 57 23.86 41.58 -6.38
N LEU A 58 24.88 41.12 -7.09
CA LEU A 58 24.88 41.17 -8.55
C LEU A 58 24.12 40.00 -9.15
N PHE A 59 24.29 38.82 -8.56
CA PHE A 59 23.65 37.61 -9.08
C PHE A 59 22.43 37.17 -8.26
N PHE A 60 22.28 37.75 -7.08
CA PHE A 60 21.15 37.43 -6.21
C PHE A 60 19.77 37.54 -6.88
N PRO A 61 19.51 38.64 -7.63
CA PRO A 61 18.20 38.68 -8.30
C PRO A 61 18.02 37.59 -9.36
N VAL A 62 19.12 37.10 -9.92
CA VAL A 62 19.05 36.01 -10.88
C VAL A 62 19.02 34.67 -10.15
N PHE A 63 19.80 34.58 -9.07
CA PHE A 63 19.84 33.41 -8.21
C PHE A 63 18.44 33.10 -7.68
N MET A 64 17.79 34.12 -7.14
CA MET A 64 16.44 33.96 -6.60
C MET A 64 15.41 33.69 -7.69
N GLY A 65 15.70 34.10 -8.92
CA GLY A 65 14.82 33.84 -10.04
C GLY A 65 14.78 32.36 -10.39
N ILE A 66 15.94 31.72 -10.35
CA ILE A 66 16.04 30.29 -10.67
C ILE A 66 15.37 29.46 -9.59
N ILE A 67 15.62 29.81 -8.33
CA ILE A 67 15.05 29.10 -7.19
C ILE A 67 13.53 29.26 -7.15
N ALA A 68 13.04 30.44 -7.53
CA ALA A 68 11.61 30.70 -7.57
C ALA A 68 10.90 29.83 -8.61
N LEU A 69 11.45 29.80 -9.81
CA LEU A 69 10.88 28.99 -10.90
C LEU A 69 10.89 27.51 -10.56
N ALA A 70 11.96 27.06 -9.92
CA ALA A 70 12.11 25.64 -9.57
C ALA A 70 11.16 25.24 -8.44
N ALA A 71 11.10 26.07 -7.40
CA ALA A 71 10.27 25.78 -6.24
C ALA A 71 8.79 25.80 -6.60
N GLY A 72 8.40 26.77 -7.41
CA GLY A 72 7.01 26.90 -7.84
C GLY A 72 6.56 25.71 -8.68
N LEU A 73 7.42 25.29 -9.61
CA LEU A 73 7.13 24.15 -10.46
C LEU A 73 6.94 22.88 -9.63
N GLY A 74 7.73 22.76 -8.57
CA GLY A 74 7.63 21.63 -7.67
C GLY A 74 6.32 21.62 -6.91
N VAL A 75 5.86 22.80 -6.53
CA VAL A 75 4.56 22.95 -5.87
C VAL A 75 3.43 22.56 -6.83
N GLY A 76 3.56 22.98 -8.09
CA GLY A 76 2.58 22.64 -9.11
C GLY A 76 2.54 21.14 -9.36
N THR A 77 3.69 20.50 -9.26
CA THR A 77 3.78 19.05 -9.40
C THR A 77 3.12 18.37 -8.21
N SER A 78 3.42 18.88 -7.02
CA SER A 78 2.83 18.35 -5.78
C SER A 78 1.31 18.47 -5.77
N SER A 79 0.81 19.63 -6.17
CA SER A 79 -0.62 19.90 -6.17
C SER A 79 -1.39 19.01 -7.15
N ALA A 80 -0.84 18.84 -8.34
CA ALA A 80 -1.50 18.07 -9.40
C ALA A 80 -1.49 16.57 -9.13
N ILE A 81 -0.46 16.10 -8.41
CA ILE A 81 -0.35 14.68 -8.09
C ILE A 81 -1.25 14.30 -6.90
N ALA A 82 -1.35 15.19 -5.93
CA ALA A 82 -2.20 14.95 -4.77
C ALA A 82 -3.68 14.91 -5.16
N ARG A 83 -4.06 15.70 -6.16
CA ARG A 83 -5.45 15.75 -6.59
C ARG A 83 -5.85 14.51 -7.40
N ARG A 84 -4.91 13.97 -8.16
CA ARG A 84 -5.17 12.76 -8.93
C ARG A 84 -5.23 11.55 -7.99
N ILE A 85 -4.43 11.59 -6.94
CA ILE A 85 -4.44 10.54 -5.93
C ILE A 85 -5.78 10.50 -5.20
N GLY A 86 -6.27 11.67 -4.82
CA GLY A 86 -7.54 11.78 -4.12
C GLY A 86 -8.70 11.30 -4.96
N ALA A 87 -8.63 11.58 -6.26
CA ALA A 87 -9.67 11.14 -7.20
C ALA A 87 -9.44 9.71 -7.64
N ARG A 88 -8.43 9.06 -7.07
CA ARG A 88 -8.08 7.68 -7.39
C ARG A 88 -7.77 7.50 -8.88
N ASP A 89 -7.11 8.50 -9.45
CA ASP A 89 -6.74 8.46 -10.87
C ASP A 89 -5.25 8.18 -11.02
N LYS A 90 -4.92 6.89 -11.14
CA LYS A 90 -3.54 6.43 -11.23
C LYS A 90 -2.85 6.94 -12.50
N GLU A 91 -3.44 6.65 -13.65
CA GLU A 91 -2.88 7.05 -14.94
C GLU A 91 -2.69 8.57 -15.06
N GLY A 92 -3.56 9.32 -14.39
CA GLY A 92 -3.43 10.77 -14.37
C GLY A 92 -2.31 11.22 -13.46
N ALA A 93 -2.11 10.48 -12.36
CA ALA A 93 -1.03 10.76 -11.43
C ALA A 93 0.32 10.39 -12.05
N ASP A 94 0.34 9.36 -12.88
CA ASP A 94 1.55 8.96 -13.58
C ASP A 94 1.90 9.97 -14.66
N ASN A 95 0.88 10.53 -15.30
CA ASN A 95 1.06 11.47 -16.40
C ASN A 95 1.67 12.80 -15.95
N VAL A 96 1.26 13.27 -14.79
CA VAL A 96 1.78 14.52 -14.24
C VAL A 96 3.27 14.42 -13.96
N ALA A 97 3.69 13.30 -13.38
CA ALA A 97 5.09 13.05 -13.06
C ALA A 97 5.98 13.10 -14.30
N VAL A 98 5.57 12.39 -15.35
CA VAL A 98 6.33 12.37 -16.58
C VAL A 98 6.32 13.75 -17.26
N HIS A 99 5.18 14.42 -17.21
CA HIS A 99 5.04 15.76 -17.77
C HIS A 99 5.97 16.75 -17.08
N SER A 100 6.06 16.67 -15.76
CA SER A 100 6.87 17.58 -14.97
C SER A 100 8.37 17.37 -15.19
N LEU A 101 8.77 16.12 -15.36
CA LEU A 101 10.18 15.79 -15.62
C LEU A 101 10.62 16.34 -16.98
N ILE A 102 9.72 16.28 -17.95
CA ILE A 102 9.97 16.89 -19.25
C ILE A 102 9.91 18.40 -19.13
N LEU A 103 9.00 18.88 -18.29
CA LEU A 103 8.90 20.31 -17.99
C LEU A 103 10.17 20.81 -17.33
N SER A 104 10.77 19.98 -16.48
CA SER A 104 11.99 20.34 -15.78
C SER A 104 13.15 20.42 -16.76
N LEU A 105 13.14 19.55 -17.75
CA LEU A 105 14.20 19.52 -18.76
C LEU A 105 14.15 20.77 -19.63
N ILE A 106 12.98 21.09 -20.15
CA ILE A 106 12.79 22.26 -21.00
C ILE A 106 13.13 23.55 -20.25
N LEU A 107 12.43 23.76 -19.14
CA LEU A 107 12.66 24.93 -18.29
C LEU A 107 14.10 25.00 -17.79
N GLY A 108 14.68 23.83 -17.54
CA GLY A 108 16.05 23.74 -17.06
C GLY A 108 17.07 24.22 -18.08
N VAL A 109 17.01 23.67 -19.29
CA VAL A 109 17.96 24.07 -20.34
C VAL A 109 17.66 25.46 -20.87
N THR A 110 16.39 25.87 -20.81
CA THR A 110 15.99 27.18 -21.29
C THR A 110 16.65 28.28 -20.47
N ILE A 111 16.57 28.14 -19.15
CA ILE A 111 17.21 29.08 -18.23
C ILE A 111 18.72 29.16 -18.50
N THR A 112 19.32 28.01 -18.76
CA THR A 112 20.75 27.93 -19.04
C THR A 112 21.11 28.63 -20.35
N ILE A 113 20.34 28.38 -21.41
CA ILE A 113 20.65 28.95 -22.72
C ILE A 113 20.25 30.42 -22.86
N THR A 114 19.35 30.89 -22.00
CA THR A 114 18.84 32.25 -22.12
C THR A 114 19.53 33.22 -21.17
N MET A 115 20.26 32.70 -20.20
CA MET A 115 20.88 33.54 -19.18
C MET A 115 22.41 33.52 -19.23
N LEU A 116 22.98 32.33 -19.36
CA LEU A 116 24.43 32.16 -19.34
C LEU A 116 25.20 33.02 -20.37
N PRO A 117 24.72 33.07 -21.63
CA PRO A 117 25.42 33.98 -22.55
C PRO A 117 25.05 35.44 -22.32
N ALA A 118 23.90 35.69 -21.71
CA ALA A 118 23.39 37.04 -21.52
C ALA A 118 23.71 37.59 -20.13
N ILE A 119 24.46 36.83 -19.35
CA ILE A 119 24.82 37.24 -18.00
C ILE A 119 26.09 38.08 -18.01
N ASP A 120 26.83 38.01 -19.12
CA ASP A 120 28.09 38.72 -19.25
C ASP A 120 27.88 40.22 -19.48
N SER A 121 26.72 40.57 -20.03
CA SER A 121 26.43 41.95 -20.37
C SER A 121 25.57 42.65 -19.31
N LEU A 122 24.72 41.87 -18.65
CA LEU A 122 23.82 42.42 -17.64
C LEU A 122 24.56 42.84 -16.37
N PHE A 123 25.63 42.12 -16.06
CA PHE A 123 26.44 42.41 -14.86
C PHE A 123 27.26 43.68 -15.03
N ARG A 124 27.88 43.82 -16.20
CA ARG A 124 28.73 44.98 -16.48
C ARG A 124 27.89 46.24 -16.68
N ALA A 132 34.76 42.57 -8.52
CA ALA A 132 33.40 42.29 -8.07
C ALA A 132 32.54 41.76 -9.21
N VAL A 133 32.72 42.34 -10.39
CA VAL A 133 31.96 41.91 -11.58
C VAL A 133 32.44 40.55 -12.07
N GLU A 134 33.75 40.34 -12.04
CA GLU A 134 34.33 39.07 -12.48
C GLU A 134 33.93 37.93 -11.56
N LEU A 135 33.84 38.23 -10.26
CA LEU A 135 33.45 37.23 -9.28
C LEU A 135 31.99 36.84 -9.44
N ALA A 136 31.16 37.79 -9.86
CA ALA A 136 29.74 37.54 -10.08
C ALA A 136 29.50 36.67 -11.30
N ILE A 137 30.22 36.95 -12.37
CA ILE A 137 30.10 36.17 -13.60
C ILE A 137 30.48 34.71 -13.35
N GLU A 138 31.53 34.50 -12.57
CA GLU A 138 31.97 33.16 -12.20
C GLU A 138 30.95 32.47 -11.30
N TYR A 139 30.38 33.23 -10.37
CA TYR A 139 29.33 32.71 -9.49
C TYR A 139 28.09 32.35 -10.30
N ALA A 140 27.84 33.13 -11.35
CA ALA A 140 26.72 32.89 -12.25
C ALA A 140 26.97 31.67 -13.12
N ARG A 141 28.21 31.54 -13.59
CA ARG A 141 28.59 30.48 -14.51
C ARG A 141 28.37 29.10 -13.90
N VAL A 142 28.77 28.95 -12.63
CA VAL A 142 28.66 27.68 -11.93
C VAL A 142 27.20 27.35 -11.62
N LEU A 143 26.42 28.37 -11.33
CA LEU A 143 25.03 28.19 -10.94
C LEU A 143 24.10 27.96 -12.13
N LEU A 144 24.31 28.73 -13.19
CA LEU A 144 23.47 28.64 -14.38
C LEU A 144 23.70 27.34 -15.15
N ALA A 145 24.93 26.84 -15.10
CA ALA A 145 25.29 25.61 -15.81
C ALA A 145 24.58 24.39 -15.21
N GLY A 146 24.17 24.51 -13.96
CA GLY A 146 23.45 23.43 -13.29
C GLY A 146 22.04 23.84 -12.90
N ALA A 147 21.39 24.61 -13.76
CA ALA A 147 20.02 25.06 -13.52
C ALA A 147 19.04 23.91 -13.70
N PHE A 148 19.31 23.05 -14.67
CA PHE A 148 18.47 21.89 -14.94
C PHE A 148 18.48 20.93 -13.77
N ILE A 149 19.61 20.86 -13.06
CA ILE A 149 19.75 20.00 -11.89
C ILE A 149 18.86 20.48 -10.74
N ILE A 150 18.89 21.79 -10.50
CA ILE A 150 18.10 22.39 -9.43
C ILE A 150 16.60 22.19 -9.64
N VAL A 151 16.16 22.35 -10.89
CA VAL A 151 14.75 22.19 -11.24
C VAL A 151 14.30 20.74 -11.08
N PHE A 152 15.13 19.81 -11.58
CA PHE A 152 14.83 18.39 -11.50
C PHE A 152 14.67 17.94 -10.05
N ASN A 153 15.51 18.50 -9.19
CA ASN A 153 15.47 18.22 -7.76
C ASN A 153 14.13 18.59 -7.13
N ASN A 154 13.69 19.81 -7.40
CA ASN A 154 12.40 20.30 -6.89
C ASN A 154 11.21 19.57 -7.50
N VAL A 155 11.36 19.13 -8.75
CA VAL A 155 10.32 18.35 -9.41
C VAL A 155 10.23 16.96 -8.80
N GLY A 156 11.37 16.32 -8.64
CA GLY A 156 11.43 15.01 -7.99
C GLY A 156 10.96 15.10 -6.55
N ASN A 157 11.20 16.22 -5.93
CA ASN A 157 10.69 16.56 -4.61
C ASN A 157 9.19 16.72 -4.60
N GLY A 158 8.63 17.38 -5.59
CA GLY A 158 7.20 17.57 -5.73
C GLY A 158 6.43 16.28 -5.99
N ILE A 159 7.08 15.32 -6.63
CA ILE A 159 6.47 14.02 -6.88
C ILE A 159 6.29 13.26 -5.57
N LEU A 160 7.37 13.18 -4.79
CA LEU A 160 7.33 12.53 -3.50
C LEU A 160 6.40 13.24 -2.52
N ARG A 161 6.48 14.57 -2.50
CA ARG A 161 5.68 15.37 -1.59
C ARG A 161 4.19 15.29 -1.91
N GLY A 162 3.88 15.10 -3.20
CA GLY A 162 2.50 15.00 -3.64
C GLY A 162 1.91 13.62 -3.45
N GLU A 163 2.79 12.63 -3.26
CA GLU A 163 2.34 11.26 -3.06
C GLU A 163 2.09 10.96 -1.58
N GLY A 164 2.86 11.61 -0.71
CA GLY A 164 2.77 11.37 0.71
C GLY A 164 4.07 10.82 1.26
N ASP A 165 5.08 10.70 0.39
CA ASP A 165 6.40 10.24 0.79
C ASP A 165 7.19 11.34 1.48
N ALA A 166 6.67 11.81 2.61
CA ALA A 166 7.29 12.91 3.34
C ALA A 166 8.66 12.54 3.90
N ASN A 167 8.85 11.25 4.17
CA ASN A 167 10.11 10.78 4.72
C ASN A 167 11.21 10.71 3.67
N ARG A 168 10.83 10.31 2.46
CA ARG A 168 11.79 10.26 1.36
C ARG A 168 12.05 11.67 0.83
N ALA A 169 11.10 12.56 1.06
CA ALA A 169 11.25 13.97 0.66
C ALA A 169 12.11 14.69 1.68
N MET A 170 11.92 14.33 2.95
CA MET A 170 12.74 14.85 4.02
C MET A 170 14.20 14.46 3.78
N LEU A 171 14.41 13.19 3.50
CA LEU A 171 15.75 12.64 3.24
C LEU A 171 16.45 13.38 2.11
N ALA A 172 15.67 13.80 1.13
CA ALA A 172 16.19 14.54 -0.02
C ALA A 172 16.87 15.83 0.39
N MET A 173 16.15 16.70 1.10
CA MET A 173 16.69 17.98 1.52
C MET A 173 17.69 17.89 2.69
N VAL A 174 17.57 16.83 3.49
CA VAL A 174 18.50 16.60 4.60
C VAL A 174 19.87 16.16 4.08
N LEU A 175 19.87 15.10 3.26
CA LEU A 175 21.07 14.69 2.55
C LEU A 175 21.50 15.84 1.66
N GLY A 176 20.52 16.60 1.17
CA GLY A 176 20.77 17.78 0.39
C GLY A 176 21.52 18.86 1.15
N SER A 177 20.80 19.59 2.00
CA SER A 177 21.39 20.71 2.73
C SER A 177 22.57 20.30 3.60
N GLY A 178 22.55 19.06 4.09
CA GLY A 178 23.63 18.55 4.92
C GLY A 178 24.94 18.50 4.18
N LEU A 179 24.90 18.13 2.91
CA LEU A 179 26.10 18.04 2.08
C LEU A 179 26.68 19.42 1.83
N ASN A 180 25.82 20.42 1.78
CA ASN A 180 26.26 21.79 1.55
C ASN A 180 26.81 22.45 2.82
N ILE A 181 26.24 22.10 3.97
CA ILE A 181 26.74 22.60 5.25
C ILE A 181 28.18 22.15 5.48
N VAL A 182 28.48 20.95 4.98
CA VAL A 182 29.83 20.40 5.08
C VAL A 182 30.76 20.95 4.00
N LEU A 183 30.28 20.96 2.76
CA LEU A 183 31.11 21.34 1.62
C LEU A 183 31.32 22.85 1.46
N ASP A 184 30.55 23.64 2.19
CA ASP A 184 30.65 25.09 2.07
C ASP A 184 32.01 25.65 2.53
N PRO A 185 32.42 25.36 3.78
CA PRO A 185 33.71 25.94 4.20
C PRO A 185 34.90 25.33 3.44
N ILE A 186 34.74 24.09 2.98
CA ILE A 186 35.80 23.41 2.26
C ILE A 186 36.20 24.13 0.98
N PHE A 187 35.20 24.48 0.17
CA PHE A 187 35.45 25.10 -1.11
C PHE A 187 35.66 26.62 -1.02
N ILE A 188 35.12 27.23 0.03
CA ILE A 188 35.29 28.67 0.22
C ILE A 188 36.63 29.01 0.87
N TYR A 189 37.05 28.22 1.85
CA TYR A 189 38.25 28.54 2.62
C TYR A 189 39.42 27.54 2.47
N THR A 190 39.16 26.27 2.70
CA THR A 190 40.23 25.26 2.63
C THR A 190 40.86 25.22 1.24
N LEU A 191 40.02 25.09 0.21
CA LEU A 191 40.50 25.09 -1.17
C LEU A 191 40.74 26.52 -1.65
N GLY A 192 39.85 27.42 -1.27
CA GLY A 192 40.05 28.85 -1.53
C GLY A 192 39.45 29.38 -2.81
N PHE A 193 38.28 28.87 -3.18
CA PHE A 193 37.57 29.40 -4.35
C PHE A 193 37.04 30.80 -4.07
N GLY A 194 36.60 31.02 -2.84
CA GLY A 194 36.03 32.29 -2.45
C GLY A 194 34.52 32.25 -2.44
N VAL A 195 33.89 33.31 -2.95
CA VAL A 195 32.44 33.40 -3.01
C VAL A 195 31.89 32.43 -4.07
N VAL A 196 32.71 32.14 -5.07
CA VAL A 196 32.32 31.23 -6.14
C VAL A 196 32.27 29.79 -5.62
N GLY A 197 33.04 29.51 -4.58
CA GLY A 197 33.05 28.21 -3.95
C GLY A 197 31.73 27.85 -3.28
N ALA A 198 30.99 28.88 -2.89
CA ALA A 198 29.67 28.66 -2.32
C ALA A 198 28.74 28.09 -3.38
N ALA A 199 28.83 28.63 -4.59
CA ALA A 199 28.03 28.16 -5.71
C ALA A 199 28.52 26.79 -6.20
N TYR A 200 29.83 26.60 -6.16
CA TYR A 200 30.41 25.33 -6.56
C TYR A 200 30.06 24.24 -5.54
N ALA A 201 29.98 24.63 -4.28
CA ALA A 201 29.51 23.71 -3.24
C ALA A 201 28.05 23.38 -3.51
N THR A 202 27.28 24.41 -3.86
CA THR A 202 25.88 24.24 -4.22
C THR A 202 25.70 23.31 -5.42
N LEU A 203 26.54 23.50 -6.43
CA LEU A 203 26.51 22.67 -7.63
C LEU A 203 26.79 21.20 -7.30
N LEU A 204 27.99 20.95 -6.80
CA LEU A 204 28.44 19.59 -6.46
C LEU A 204 27.47 18.89 -5.51
N SER A 205 26.89 19.66 -4.60
CA SER A 205 25.90 19.11 -3.68
C SER A 205 24.64 18.69 -4.43
N MET A 206 24.13 19.60 -5.26
CA MET A 206 22.90 19.36 -6.02
C MET A 206 23.01 18.16 -6.95
N VAL A 207 24.20 17.93 -7.48
CA VAL A 207 24.43 16.82 -8.40
C VAL A 207 24.29 15.47 -7.69
N VAL A 208 24.89 15.37 -6.51
CA VAL A 208 24.86 14.13 -5.74
C VAL A 208 23.43 13.71 -5.38
N THR A 209 22.62 14.68 -5.00
CA THR A 209 21.24 14.42 -4.60
C THR A 209 20.35 14.09 -5.81
N SER A 210 20.67 14.67 -6.96
CA SER A 210 19.94 14.37 -8.18
C SER A 210 20.14 12.92 -8.60
N LEU A 211 21.22 12.32 -8.12
CA LEU A 211 21.51 10.91 -8.38
C LEU A 211 20.72 10.02 -7.44
N PHE A 212 20.41 10.55 -6.25
CA PHE A 212 19.62 9.82 -5.26
C PHE A 212 18.13 9.86 -5.62
N ILE A 213 17.68 10.99 -6.14
CA ILE A 213 16.29 11.13 -6.55
C ILE A 213 15.96 10.23 -7.74
N ALA A 214 16.83 10.25 -8.74
CA ALA A 214 16.67 9.41 -9.93
C ALA A 214 16.71 7.93 -9.57
N TYR A 215 17.38 7.60 -8.47
CA TYR A 215 17.47 6.24 -7.97
C TYR A 215 16.12 5.78 -7.44
N TRP A 216 15.51 6.59 -6.59
CA TRP A 216 14.23 6.24 -5.99
C TRP A 216 13.13 6.21 -7.03
N LEU A 217 13.16 7.17 -7.93
CA LEU A 217 12.11 7.31 -8.95
C LEU A 217 12.22 6.24 -10.03
N PHE A 218 13.35 6.20 -10.72
CA PHE A 218 13.51 5.32 -11.87
C PHE A 218 13.98 3.92 -11.51
N VAL A 219 15.05 3.83 -10.72
CA VAL A 219 15.66 2.55 -10.38
C VAL A 219 14.87 1.76 -9.34
N LYS A 220 14.73 2.33 -8.14
CA LYS A 220 14.08 1.63 -7.04
C LYS A 220 12.58 1.46 -7.24
N ARG A 221 11.97 2.42 -7.93
CA ARG A 221 10.54 2.40 -8.22
C ARG A 221 9.67 2.27 -6.97
N ASP A 222 10.11 2.92 -5.88
CA ASP A 222 9.40 2.85 -4.61
C ASP A 222 8.23 3.83 -4.57
N THR A 223 8.12 4.67 -5.59
CA THR A 223 7.05 5.65 -5.67
C THR A 223 5.71 4.98 -6.00
N TYR A 224 4.62 5.67 -5.67
CA TYR A 224 3.28 5.17 -5.96
C TYR A 224 3.00 5.24 -7.45
N VAL A 225 3.47 6.30 -8.10
CA VAL A 225 3.27 6.49 -9.53
C VAL A 225 4.29 5.73 -10.35
N ASP A 226 3.91 5.41 -11.59
CA ASP A 226 4.82 4.73 -12.52
C ASP A 226 5.37 5.71 -13.55
N ILE A 227 6.69 5.83 -13.60
CA ILE A 227 7.34 6.75 -14.53
C ILE A 227 8.06 6.00 -15.65
N ASP A 231 1.44 5.14 -20.06
CA ASP A 231 0.52 6.00 -19.33
C ASP A 231 0.71 7.47 -19.70
N PHE A 232 1.88 7.78 -20.27
CA PHE A 232 2.20 9.15 -20.63
C PHE A 232 1.63 9.54 -22.00
N SER A 233 0.93 10.67 -22.03
CA SER A 233 0.39 11.22 -23.26
C SER A 233 0.24 12.72 -23.10
N PRO A 234 0.93 13.49 -23.96
CA PRO A 234 0.97 14.96 -23.90
C PRO A 234 -0.43 15.58 -23.89
N SER A 235 -0.94 15.85 -22.69
CA SER A 235 -2.27 16.44 -22.54
C SER A 235 -2.18 17.91 -22.18
N ARG A 236 -3.11 18.70 -22.70
CA ARG A 236 -3.15 20.13 -22.41
C ARG A 236 -3.73 20.39 -21.02
N GLU A 237 -4.60 19.48 -20.58
CA GLU A 237 -5.24 19.60 -19.28
C GLU A 237 -4.22 19.45 -18.15
N ILE A 238 -3.23 18.60 -18.35
CA ILE A 238 -2.17 18.41 -17.36
C ILE A 238 -1.24 19.62 -17.32
N LEU A 239 -0.92 20.14 -18.51
CA LEU A 239 -0.03 21.29 -18.61
C LEU A 239 -0.68 22.52 -17.99
N LYS A 240 -1.97 22.66 -18.20
CA LYS A 240 -2.73 23.74 -17.59
C LYS A 240 -2.80 23.55 -16.08
N ASP A 241 -2.82 22.30 -15.65
CA ASP A 241 -2.96 21.97 -14.24
C ASP A 241 -1.67 22.20 -13.44
N ILE A 242 -0.52 22.07 -14.12
CA ILE A 242 0.77 22.24 -13.47
C ILE A 242 1.18 23.71 -13.38
N LEU A 243 0.87 24.47 -14.42
CA LEU A 243 1.25 25.87 -14.48
C LEU A 243 0.26 26.76 -13.73
N ARG A 244 -0.93 26.24 -13.48
CA ARG A 244 -1.96 26.98 -12.75
C ARG A 244 -1.54 27.23 -11.31
N VAL A 245 -0.73 26.33 -10.78
CA VAL A 245 -0.22 26.45 -9.42
C VAL A 245 1.26 26.82 -9.43
N GLY A 246 1.99 26.30 -10.42
CA GLY A 246 3.41 26.53 -10.52
C GLY A 246 3.81 27.97 -10.75
N LEU A 247 3.22 28.60 -11.76
CA LEU A 247 3.55 29.98 -12.11
C LEU A 247 3.27 31.00 -10.99
N PRO A 248 2.06 31.00 -10.40
CA PRO A 248 1.82 31.98 -9.35
C PRO A 248 2.66 31.73 -8.10
N SER A 249 3.08 30.49 -7.88
CA SER A 249 3.89 30.14 -6.73
C SER A 249 5.31 30.67 -6.87
N SER A 250 5.75 30.86 -8.11
CA SER A 250 7.09 31.39 -8.37
C SER A 250 7.13 32.88 -8.05
N LEU A 251 6.03 33.56 -8.32
CA LEU A 251 5.92 34.98 -8.03
C LEU A 251 5.71 35.20 -6.52
N SER A 252 5.16 34.19 -5.86
CA SER A 252 4.94 34.23 -4.42
C SER A 252 6.27 34.26 -3.66
N GLN A 253 7.15 33.31 -3.98
CA GLN A 253 8.47 33.27 -3.38
C GLN A 253 9.32 34.47 -3.81
N LEU A 254 9.05 34.98 -5.01
CA LEU A 254 9.77 36.14 -5.54
C LEU A 254 9.47 37.38 -4.72
N SER A 255 8.19 37.67 -4.53
CA SER A 255 7.77 38.84 -3.77
C SER A 255 8.12 38.72 -2.28
N MET A 256 8.33 37.50 -1.83
CA MET A 256 8.71 37.24 -0.44
C MET A 256 10.13 37.71 -0.16
N SER A 257 11.02 37.53 -1.14
CA SER A 257 12.40 37.99 -1.02
C SER A 257 12.48 39.49 -1.22
N ILE A 258 11.64 40.01 -2.11
CA ILE A 258 11.58 41.45 -2.37
C ILE A 258 11.07 42.19 -1.13
N ALA A 259 10.18 41.54 -0.39
CA ALA A 259 9.68 42.09 0.86
C ALA A 259 10.80 42.17 1.89
N MET A 260 11.69 41.20 1.87
CA MET A 260 12.84 41.18 2.78
C MET A 260 13.79 42.33 2.44
N PHE A 261 13.79 42.72 1.17
CA PHE A 261 14.63 43.82 0.71
C PHE A 261 14.01 45.17 1.07
N PHE A 262 12.69 45.26 0.92
CA PHE A 262 11.97 46.48 1.27
C PHE A 262 11.97 46.75 2.77
N LEU A 263 11.77 45.69 3.56
CA LEU A 263 11.82 45.78 5.01
C LEU A 263 13.21 46.16 5.49
N ASN A 264 14.22 45.81 4.69
CA ASN A 264 15.60 46.14 5.01
C ASN A 264 15.83 47.64 4.93
N SER A 265 15.28 48.25 3.88
CA SER A 265 15.40 49.70 3.68
C SER A 265 14.60 50.46 4.71
N VAL A 266 13.54 49.84 5.22
CA VAL A 266 12.78 50.42 6.32
C VAL A 266 13.62 50.39 7.59
N ALA A 267 14.37 49.31 7.77
CA ALA A 267 15.29 49.18 8.90
C ALA A 267 16.46 50.15 8.76
N ILE A 268 16.73 50.56 7.52
CA ILE A 268 17.78 51.53 7.24
C ILE A 268 17.35 52.93 7.65
N THR A 269 16.08 53.26 7.41
CA THR A 269 15.55 54.58 7.73
C THR A 269 15.27 54.74 9.23
N ALA A 270 14.77 53.67 9.84
CA ALA A 270 14.33 53.71 11.23
C ALA A 270 15.48 53.79 12.23
N GLY A 271 16.52 52.99 12.00
CA GLY A 271 17.62 52.89 12.93
C GLY A 271 19.01 53.04 12.33
N GLY A 272 19.09 53.07 11.01
CA GLY A 272 20.37 53.19 10.34
C GLY A 272 21.08 51.85 10.22
N GLU A 273 22.39 51.88 10.02
CA GLU A 273 23.17 50.66 9.84
C GLU A 273 23.39 49.93 11.16
N ASN A 274 23.06 50.61 12.26
CA ASN A 274 23.30 50.09 13.60
C ASN A 274 22.80 48.69 14.00
N GLY A 275 21.54 48.34 13.75
CA GLY A 275 20.56 49.14 13.03
C GLY A 275 19.88 48.26 11.99
N VAL A 276 20.58 48.00 10.89
CA VAL A 276 20.16 46.99 9.93
C VAL A 276 20.59 45.64 10.47
N ALA A 277 21.71 45.64 11.19
CA ALA A 277 22.26 44.42 11.77
C ALA A 277 21.30 43.77 12.74
N VAL A 278 20.51 44.59 13.44
CA VAL A 278 19.50 44.08 14.37
C VAL A 278 18.41 43.35 13.60
N PHE A 279 18.05 43.87 12.43
CA PHE A 279 17.01 43.28 11.59
C PHE A 279 17.46 41.94 11.01
N THR A 280 18.75 41.84 10.67
CA THR A 280 19.29 40.61 10.12
C THR A 280 19.36 39.52 11.18
N SER A 281 19.64 39.92 12.41
CA SER A 281 19.71 38.98 13.53
C SER A 281 18.32 38.48 13.93
N ALA A 282 17.34 39.37 13.84
CA ALA A 282 15.97 39.03 14.20
C ALA A 282 15.30 38.18 13.12
N TRP A 283 15.69 38.43 11.86
CA TRP A 283 15.11 37.71 10.74
C TRP A 283 15.70 36.29 10.65
N ARG A 284 16.85 36.10 11.28
CA ARG A 284 17.50 34.80 11.27
C ARG A 284 16.85 33.84 12.27
N ILE A 285 16.62 34.32 13.48
CA ILE A 285 16.02 33.50 14.52
C ILE A 285 14.55 33.20 14.25
N THR A 286 13.89 34.10 13.52
CA THR A 286 12.48 33.91 13.22
C THR A 286 12.29 33.01 11.99
N MET A 287 13.33 32.91 11.18
CA MET A 287 13.32 31.99 10.04
C MET A 287 13.35 30.56 10.55
N LEU A 288 14.01 30.35 11.67
CA LEU A 288 14.09 29.02 12.27
C LEU A 288 12.83 28.74 13.06
N GLY A 289 12.14 29.81 13.46
CA GLY A 289 10.94 29.71 14.27
C GLY A 289 9.68 29.64 13.43
N ILE A 290 9.83 29.78 12.13
CA ILE A 290 8.70 29.69 11.21
C ILE A 290 8.71 28.35 10.50
N VAL A 291 9.76 27.57 10.74
CA VAL A 291 9.90 26.23 10.17
C VAL A 291 8.70 25.29 10.39
N PRO A 292 8.17 25.23 11.63
CA PRO A 292 6.98 24.38 11.82
C PRO A 292 5.77 24.80 10.98
N ILE A 293 5.75 26.05 10.53
CA ILE A 293 4.68 26.52 9.66
C ILE A 293 4.96 26.12 8.22
N LEU A 294 6.20 26.30 7.77
CA LEU A 294 6.61 25.91 6.43
C LEU A 294 6.52 24.41 6.24
N GLY A 295 6.76 23.66 7.31
CA GLY A 295 6.70 22.21 7.27
C GLY A 295 5.28 21.70 7.22
N MET A 296 4.37 22.42 7.85
CA MET A 296 2.96 22.01 7.89
C MET A 296 2.21 22.55 6.68
N ALA A 297 2.64 23.69 6.15
CA ALA A 297 2.03 24.27 4.96
C ALA A 297 2.24 23.36 3.76
N ALA A 298 3.42 22.73 3.70
CA ALA A 298 3.74 21.79 2.63
C ALA A 298 2.90 20.53 2.74
N ALA A 299 2.58 20.14 3.97
CA ALA A 299 1.75 18.96 4.23
C ALA A 299 0.28 19.27 3.95
N THR A 300 -0.14 20.49 4.24
CA THR A 300 -1.52 20.92 4.04
C THR A 300 -1.92 20.89 2.56
N THR A 301 -1.00 21.31 1.70
CA THR A 301 -1.24 21.33 0.26
C THR A 301 -1.50 19.92 -0.28
N SER A 302 -0.83 18.93 0.30
CA SER A 302 -1.02 17.54 -0.12
C SER A 302 -2.36 16.99 0.34
N VAL A 303 -2.71 17.23 1.60
CA VAL A 303 -3.92 16.68 2.19
C VAL A 303 -5.18 17.33 1.61
N THR A 304 -5.20 18.66 1.55
CA THR A 304 -6.33 19.38 0.99
C THR A 304 -6.49 19.08 -0.50
N GLY A 305 -5.37 18.83 -1.17
CA GLY A 305 -5.39 18.46 -2.57
C GLY A 305 -5.98 17.08 -2.76
N ALA A 306 -5.63 16.17 -1.85
CA ALA A 306 -6.18 14.82 -1.86
C ALA A 306 -7.67 14.87 -1.56
N ALA A 307 -8.04 15.70 -0.59
CA ALA A 307 -9.43 15.85 -0.20
C ALA A 307 -10.25 16.49 -1.31
N TYR A 308 -9.61 17.36 -2.09
CA TYR A 308 -10.29 18.04 -3.19
C TYR A 308 -10.60 17.06 -4.32
N GLY A 309 -9.74 16.07 -4.50
CA GLY A 309 -9.92 15.08 -5.54
C GLY A 309 -11.04 14.11 -5.21
N GLU A 310 -11.24 13.88 -3.92
CA GLU A 310 -12.31 13.00 -3.45
C GLU A 310 -13.64 13.73 -3.50
N ARG A 311 -13.57 15.04 -3.75
CA ARG A 311 -14.74 15.93 -3.70
C ARG A 311 -15.36 15.93 -2.31
N ASN A 312 -14.52 15.74 -1.30
CA ASN A 312 -14.95 15.77 0.10
C ASN A 312 -14.59 17.10 0.74
N VAL A 313 -15.54 18.03 0.77
CA VAL A 313 -15.33 19.36 1.35
C VAL A 313 -15.14 19.28 2.86
N GLU A 314 -15.93 18.43 3.52
CA GLU A 314 -15.85 18.27 4.96
C GLU A 314 -14.44 17.88 5.43
N LYS A 315 -13.84 16.92 4.73
CA LYS A 315 -12.48 16.49 5.06
C LYS A 315 -11.46 17.59 4.75
N LEU A 316 -11.71 18.31 3.67
CA LEU A 316 -10.86 19.43 3.27
C LEU A 316 -10.91 20.51 4.35
N GLU A 317 -12.11 20.79 4.84
CA GLU A 317 -12.29 21.78 5.91
C GLU A 317 -11.64 21.30 7.21
N THR A 318 -11.71 20.00 7.46
CA THR A 318 -11.15 19.41 8.66
C THR A 318 -9.63 19.55 8.69
N ALA A 319 -9.00 19.24 7.56
CA ALA A 319 -7.54 19.29 7.44
C ALA A 319 -7.01 20.72 7.46
N TYR A 320 -7.76 21.64 6.87
CA TYR A 320 -7.37 23.04 6.83
C TYR A 320 -7.46 23.67 8.22
N LEU A 321 -8.50 23.30 8.97
CA LEU A 321 -8.70 23.85 10.30
C LEU A 321 -7.83 23.18 11.35
N TYR A 322 -7.45 21.92 11.10
CA TYR A 322 -6.61 21.18 12.03
C TYR A 322 -5.14 21.56 11.86
N ALA A 323 -4.76 21.92 10.64
CA ALA A 323 -3.40 22.34 10.38
C ALA A 323 -3.10 23.68 11.05
N ILE A 324 -4.11 24.54 11.13
CA ILE A 324 -3.96 25.83 11.77
C ILE A 324 -3.89 25.67 13.29
N LYS A 325 -4.82 24.91 13.85
CA LYS A 325 -4.91 24.72 15.30
C LYS A 325 -3.64 24.13 15.90
N ILE A 326 -3.11 23.10 15.24
CA ILE A 326 -1.87 22.46 15.71
C ILE A 326 -0.69 23.39 15.58
N ALA A 327 -0.54 24.00 14.41
CA ALA A 327 0.58 24.91 14.14
C ALA A 327 0.51 26.16 15.02
N PHE A 328 -0.70 26.55 15.40
CA PHE A 328 -0.91 27.69 16.29
C PHE A 328 -0.35 27.42 17.69
N MET A 329 -0.53 26.19 18.16
CA MET A 329 -0.11 25.83 19.51
C MET A 329 1.36 25.43 19.57
N ILE A 330 1.92 25.02 18.43
CA ILE A 330 3.36 24.80 18.34
C ILE A 330 4.06 26.14 18.46
N GLU A 331 3.55 27.14 17.73
CA GLU A 331 4.12 28.48 17.75
C GLU A 331 4.06 29.12 19.14
N LEU A 332 2.95 28.89 19.85
CA LEU A 332 2.82 29.35 21.23
C LEU A 332 3.98 28.82 22.08
N ALA A 333 4.39 27.60 21.78
CA ALA A 333 5.55 27.00 22.44
C ALA A 333 6.84 27.62 21.93
N VAL A 334 6.96 27.76 20.61
CA VAL A 334 8.15 28.33 19.99
C VAL A 334 8.39 29.76 20.46
N VAL A 335 7.31 30.55 20.50
CA VAL A 335 7.36 31.91 21.01
C VAL A 335 7.91 31.91 22.44
N ALA A 336 7.48 30.94 23.24
CA ALA A 336 7.95 30.82 24.61
C ALA A 336 9.45 30.52 24.70
N PHE A 337 9.97 29.79 23.73
CA PHE A 337 11.41 29.52 23.67
C PHE A 337 12.13 30.85 23.52
N ILE A 338 11.66 31.64 22.56
CA ILE A 338 12.27 32.92 22.23
C ILE A 338 12.16 33.96 23.34
N MET A 339 11.03 33.97 24.03
CA MET A 339 10.82 34.91 25.14
C MET A 339 11.81 34.64 26.26
N LEU A 340 12.10 33.36 26.50
CA LEU A 340 13.03 32.97 27.56
C LEU A 340 14.33 32.42 26.98
N ASP A 361 18.51 46.17 22.18
CA ASP A 361 18.68 46.05 20.73
C ASP A 361 17.84 44.88 20.19
N LEU A 362 18.51 43.77 19.88
CA LEU A 362 17.84 42.59 19.37
C LEU A 362 17.10 41.87 20.50
N ILE A 363 17.56 42.07 21.72
CA ILE A 363 16.93 41.46 22.89
C ILE A 363 15.55 42.07 23.16
N SER A 364 15.37 43.31 22.74
CA SER A 364 14.09 43.99 22.90
C SER A 364 13.13 43.56 21.80
N ALA A 365 13.66 43.39 20.59
CA ALA A 365 12.86 42.99 19.45
C ALA A 365 12.56 41.50 19.47
N LEU A 366 13.24 40.77 20.34
CA LEU A 366 12.99 39.33 20.48
C LEU A 366 11.85 39.07 21.45
N ARG A 367 11.16 40.13 21.85
CA ARG A 367 10.06 40.02 22.80
C ARG A 367 8.75 40.56 22.23
N THR A 368 8.84 41.24 21.09
CA THR A 368 7.67 41.82 20.44
C THR A 368 7.47 41.29 19.04
N LEU A 369 8.57 41.18 18.29
CA LEU A 369 8.54 40.68 16.91
C LEU A 369 8.04 39.23 16.73
N PRO A 370 8.51 38.27 17.57
CA PRO A 370 8.07 36.89 17.33
C PRO A 370 6.57 36.64 17.56
N VAL A 371 5.82 37.66 17.96
CA VAL A 371 4.37 37.51 18.18
C VAL A 371 3.61 37.41 16.85
N PHE A 372 4.31 37.61 15.74
CA PHE A 372 3.70 37.50 14.42
C PHE A 372 3.75 36.05 13.95
N LEU A 373 4.46 35.22 14.70
CA LEU A 373 4.64 33.81 14.34
C LEU A 373 3.40 32.98 14.65
N VAL A 374 2.56 33.46 15.55
CA VAL A 374 1.32 32.77 15.88
C VAL A 374 0.18 33.24 14.98
N LEU A 375 0.37 34.38 14.33
CA LEU A 375 -0.60 34.91 13.38
C LEU A 375 -0.36 34.33 12.00
N THR A 376 0.88 33.90 11.77
CA THR A 376 1.30 33.37 10.48
C THR A 376 0.62 32.05 10.02
N PRO A 377 0.40 31.09 10.93
CA PRO A 377 -0.24 29.86 10.49
C PRO A 377 -1.66 30.06 9.95
N PHE A 378 -2.31 31.15 10.33
CA PHE A 378 -3.66 31.46 9.86
C PHE A 378 -3.65 31.89 8.39
N GLY A 379 -2.51 32.41 7.93
CA GLY A 379 -2.39 32.90 6.57
C GLY A 379 -1.67 31.95 5.63
N MET A 380 -0.57 31.37 6.10
CA MET A 380 0.22 30.46 5.28
C MET A 380 -0.50 29.16 4.97
N MET A 381 -1.41 28.75 5.86
CA MET A 381 -2.15 27.52 5.66
C MET A 381 -3.25 27.69 4.62
N THR A 382 -3.77 28.91 4.52
CA THR A 382 -4.82 29.21 3.56
C THR A 382 -4.28 29.25 2.13
N SER A 383 -3.15 29.92 1.94
CA SER A 383 -2.52 29.98 0.62
C SER A 383 -2.05 28.59 0.20
N ALA A 384 -1.65 27.78 1.16
CA ALA A 384 -1.22 26.41 0.90
C ALA A 384 -2.39 25.52 0.47
N MET A 385 -3.58 25.82 0.98
CA MET A 385 -4.77 25.06 0.62
C MET A 385 -5.36 25.58 -0.68
N PHE A 386 -5.01 26.82 -1.03
CA PHE A 386 -5.39 27.37 -2.33
C PHE A 386 -4.62 26.65 -3.43
N GLN A 387 -3.35 26.36 -3.14
CA GLN A 387 -2.53 25.59 -4.06
C GLN A 387 -3.03 24.16 -4.12
N GLY A 388 -3.58 23.68 -3.01
CA GLY A 388 -4.09 22.33 -2.92
C GLY A 388 -5.31 22.12 -3.80
N ILE A 389 -6.18 23.12 -3.87
CA ILE A 389 -7.39 23.02 -4.68
C ILE A 389 -7.19 23.57 -6.08
N GLY A 390 -5.94 23.88 -6.43
CA GLY A 390 -5.59 24.27 -7.78
C GLY A 390 -5.68 25.75 -8.08
N GLU A 391 -6.14 26.54 -7.11
CA GLU A 391 -6.29 27.98 -7.31
C GLU A 391 -5.05 28.74 -6.84
N GLY A 392 -4.04 28.77 -7.69
CA GLY A 392 -2.77 29.41 -7.37
C GLY A 392 -2.83 30.92 -7.43
N GLU A 393 -3.78 31.45 -8.20
CA GLU A 393 -3.92 32.89 -8.35
C GLU A 393 -4.30 33.56 -7.04
N LYS A 394 -5.23 32.93 -6.31
CA LYS A 394 -5.64 33.42 -5.00
C LYS A 394 -4.51 33.30 -3.98
N SER A 395 -3.66 32.29 -4.18
CA SER A 395 -2.50 32.09 -3.33
C SER A 395 -1.48 33.21 -3.54
N LEU A 396 -1.41 33.70 -4.77
CA LEU A 396 -0.48 34.78 -5.11
C LEU A 396 -0.98 36.11 -4.57
N ILE A 397 -2.29 36.31 -4.59
CA ILE A 397 -2.89 37.55 -4.10
C ILE A 397 -2.78 37.65 -2.58
N LEU A 398 -3.08 36.55 -1.89
CA LEU A 398 -3.00 36.52 -0.45
C LEU A 398 -1.56 36.74 0.05
N THR A 399 -0.60 36.18 -0.68
CA THR A 399 0.82 36.29 -0.32
C THR A 399 1.34 37.71 -0.50
N ILE A 400 0.99 38.33 -1.62
CA ILE A 400 1.38 39.72 -1.90
C ILE A 400 0.83 40.65 -0.83
N PHE A 401 -0.44 40.45 -0.46
CA PHE A 401 -1.09 41.25 0.57
C PHE A 401 -0.40 41.06 1.92
N ARG A 402 0.00 39.82 2.20
CA ARG A 402 0.63 39.49 3.48
C ARG A 402 2.05 40.02 3.59
N THR A 403 2.87 39.74 2.59
CA THR A 403 4.30 40.04 2.64
C THR A 403 4.65 41.46 2.25
N LEU A 404 3.91 42.04 1.31
CA LEU A 404 4.24 43.36 0.80
C LEU A 404 3.31 44.46 1.32
N VAL A 405 2.01 44.29 1.13
CA VAL A 405 1.05 45.34 1.45
C VAL A 405 0.90 45.57 2.96
N MET A 406 0.91 44.50 3.74
CA MET A 406 0.70 44.61 5.19
C MET A 406 2.00 44.62 5.99
N GLN A 407 2.94 43.76 5.62
CA GLN A 407 4.21 43.69 6.36
C GLN A 407 5.09 44.91 6.09
N VAL A 408 5.39 45.16 4.83
CA VAL A 408 6.19 46.32 4.45
C VAL A 408 5.39 47.62 4.61
N GLY A 409 4.11 47.55 4.27
CA GLY A 409 3.22 48.70 4.34
C GLY A 409 3.09 49.30 5.72
N PHE A 410 2.81 48.47 6.72
CA PHE A 410 2.67 48.95 8.10
C PHE A 410 4.01 49.29 8.75
N ALA A 411 5.06 48.59 8.35
CA ALA A 411 6.39 48.83 8.90
C ALA A 411 6.94 50.17 8.43
N TYR A 412 6.64 50.53 7.19
CA TYR A 412 7.05 51.81 6.63
C TYR A 412 6.29 52.94 7.32
N ILE A 413 5.02 52.69 7.61
CA ILE A 413 4.15 53.67 8.23
C ILE A 413 4.55 53.98 9.67
N PHE A 414 4.86 52.94 10.44
CA PHE A 414 5.24 53.12 11.84
C PHE A 414 6.64 53.68 12.02
N VAL A 415 7.39 53.77 10.92
CA VAL A 415 8.76 54.27 10.98
C VAL A 415 8.89 55.69 10.43
N HIS A 416 7.99 56.05 9.52
CA HIS A 416 8.04 57.36 8.87
C HIS A 416 7.06 58.36 9.47
N TYR A 417 6.00 57.86 10.11
CA TYR A 417 4.95 58.73 10.61
C TYR A 417 4.77 58.60 12.13
N THR A 418 5.77 58.05 12.80
CA THR A 418 5.70 57.88 14.25
C THR A 418 7.02 58.21 14.93
N THR A 419 6.96 58.54 16.22
CA THR A 419 8.15 58.84 16.99
C THR A 419 9.00 57.59 17.19
N LEU A 420 8.35 56.42 17.16
CA LEU A 420 9.04 55.15 17.30
C LEU A 420 9.98 54.91 16.11
N GLY A 421 11.16 54.37 16.40
CA GLY A 421 12.15 54.13 15.37
C GLY A 421 12.24 52.68 14.96
N LEU A 422 13.22 51.97 15.52
CA LEU A 422 13.43 50.57 15.19
C LEU A 422 12.33 49.70 15.79
N ARG A 423 11.78 50.13 16.91
CA ARG A 423 10.72 49.39 17.59
C ARG A 423 9.44 49.36 16.76
N GLY A 424 9.16 50.47 16.08
CA GLY A 424 7.96 50.58 15.25
C GLY A 424 7.97 49.62 14.08
N VAL A 425 9.15 49.23 13.64
CA VAL A 425 9.28 48.28 12.53
C VAL A 425 8.77 46.90 12.94
N TRP A 426 9.11 46.48 14.15
CA TRP A 426 8.66 45.19 14.67
C TRP A 426 7.15 45.21 14.91
N ILE A 427 6.64 46.36 15.37
CA ILE A 427 5.21 46.53 15.58
C ILE A 427 4.47 46.42 14.26
N GLY A 428 4.99 47.08 13.23
CA GLY A 428 4.39 47.07 11.91
C GLY A 428 4.26 45.68 11.30
N ILE A 429 5.29 44.86 11.51
CA ILE A 429 5.28 43.49 11.02
C ILE A 429 4.23 42.65 11.74
N VAL A 430 4.20 42.78 13.07
CA VAL A 430 3.22 42.05 13.87
C VAL A 430 1.79 42.52 13.59
N ILE A 431 1.60 43.84 13.55
CA ILE A 431 0.27 44.41 13.33
C ILE A 431 -0.18 44.22 11.88
N GLY A 432 0.77 44.03 10.98
CA GLY A 432 0.46 43.78 9.59
C GLY A 432 0.01 42.34 9.38
N ASN A 433 0.65 41.43 10.10
CA ASN A 433 0.28 40.02 10.05
C ASN A 433 -1.11 39.75 10.61
N MET A 434 -1.52 40.58 11.57
CA MET A 434 -2.84 40.48 12.17
C MET A 434 -3.92 40.68 11.11
N VAL A 435 -3.76 41.70 10.28
CA VAL A 435 -4.74 42.00 9.24
C VAL A 435 -4.72 40.94 8.14
N ALA A 436 -3.52 40.51 7.76
CA ALA A 436 -3.36 39.49 6.73
C ALA A 436 -3.88 38.12 7.20
N ALA A 437 -3.85 37.90 8.52
CA ALA A 437 -4.37 36.66 9.09
C ALA A 437 -5.89 36.61 9.04
N ILE A 438 -6.52 37.74 9.41
CA ILE A 438 -7.97 37.84 9.41
C ILE A 438 -8.52 37.71 7.98
N VAL A 439 -7.92 38.43 7.04
CA VAL A 439 -8.33 38.36 5.64
C VAL A 439 -8.14 36.95 5.08
N GLY A 440 -7.00 36.34 5.39
CA GLY A 440 -6.69 35.01 4.90
C GLY A 440 -7.61 33.93 5.40
N PHE A 441 -7.88 33.92 6.70
CA PHE A 441 -8.71 32.89 7.31
C PHE A 441 -10.15 32.96 6.80
N LEU A 442 -10.66 34.18 6.66
CA LEU A 442 -12.03 34.37 6.18
C LEU A 442 -12.16 34.01 4.71
N TRP A 443 -11.15 34.38 3.93
CA TRP A 443 -11.10 34.05 2.50
C TRP A 443 -11.05 32.53 2.32
N GLY A 444 -10.33 31.86 3.23
CA GLY A 444 -10.23 30.41 3.19
C GLY A 444 -11.53 29.72 3.54
N ARG A 445 -12.21 30.21 4.57
CA ARG A 445 -13.50 29.66 4.97
C ARG A 445 -14.59 30.03 3.97
N MET A 446 -14.39 31.15 3.28
CA MET A 446 -15.32 31.58 2.24
C MET A 446 -15.33 30.63 1.06
N ARG A 447 -14.15 30.29 0.56
CA ARG A 447 -14.03 29.43 -0.60
C ARG A 447 -14.38 27.98 -0.26
N ILE A 448 -14.19 27.62 1.00
CA ILE A 448 -14.56 26.28 1.47
C ILE A 448 -16.07 26.14 1.50
N SER A 449 -16.76 27.25 1.77
CA SER A 449 -18.22 27.27 1.77
C SER A 449 -18.75 27.30 0.34
N ALA A 450 -17.98 27.90 -0.56
CA ALA A 450 -18.36 28.00 -1.96
C ALA A 450 -18.19 26.66 -2.67
N LEU A 451 -17.35 25.81 -2.11
CA LEU A 451 -17.08 24.49 -2.69
C LEU A 451 -18.22 23.51 -2.49
N LYS A 452 -19.24 23.94 -1.74
CA LYS A 452 -20.40 23.10 -1.49
C LYS A 452 -21.54 23.45 -2.44
N LYS A 453 -21.75 24.74 -2.64
CA LYS A 453 -22.82 25.22 -3.53
C LYS A 453 -22.49 24.93 -4.99
N LYS B 4 3.32 0.10 -4.59
CA LYS B 4 4.46 -0.53 -3.93
C LYS B 4 4.03 -1.70 -3.04
N THR B 5 2.87 -1.56 -2.40
CA THR B 5 2.36 -2.60 -1.51
C THR B 5 0.83 -2.67 -1.53
N THR B 6 0.29 -3.63 -0.79
CA THR B 6 -1.16 -3.79 -0.66
C THR B 6 -1.54 -4.00 0.80
N LYS B 7 -2.84 -4.06 1.07
CA LYS B 7 -3.32 -4.27 2.43
C LYS B 7 -3.06 -5.69 2.89
N GLY B 8 -3.19 -6.65 1.97
CA GLY B 8 -2.95 -8.05 2.28
C GLY B 8 -1.49 -8.35 2.54
N VAL B 9 -0.62 -7.78 1.73
CA VAL B 9 0.82 -7.94 1.89
C VAL B 9 1.30 -7.29 3.19
N GLN B 10 0.74 -6.12 3.49
CA GLN B 10 1.08 -5.42 4.73
C GLN B 10 0.58 -6.18 5.96
N LEU B 11 -0.38 -7.06 5.74
CA LEU B 11 -0.95 -7.86 6.81
C LEU B 11 -0.11 -9.13 7.06
N LEU B 12 0.48 -9.65 6.00
CA LEU B 12 1.32 -10.84 6.09
C LEU B 12 2.68 -10.53 6.72
N ARG B 13 3.15 -9.30 6.54
CA ARG B 13 4.47 -8.90 7.02
C ARG B 13 4.39 -8.16 8.35
N GLY B 14 3.23 -8.19 8.99
CA GLY B 14 3.04 -7.49 10.24
C GLY B 14 2.74 -8.42 11.41
N ASP B 15 1.86 -7.99 12.30
CA ASP B 15 1.47 -8.77 13.46
C ASP B 15 0.81 -10.08 13.03
N PRO B 16 1.44 -11.21 13.38
CA PRO B 16 0.97 -12.54 12.99
C PRO B 16 -0.39 -12.89 13.60
N LYS B 17 -0.63 -12.46 14.83
CA LYS B 17 -1.90 -12.75 15.50
C LYS B 17 -3.06 -12.05 14.80
N LYS B 18 -2.82 -10.84 14.33
CA LYS B 18 -3.83 -10.08 13.60
C LYS B 18 -4.01 -10.63 12.19
N ALA B 19 -2.94 -11.21 11.65
CA ALA B 19 -2.98 -11.78 10.32
C ALA B 19 -3.84 -13.04 10.28
N ILE B 20 -3.67 -13.89 11.28
CA ILE B 20 -4.45 -15.12 11.39
C ILE B 20 -5.94 -14.83 11.49
N VAL B 21 -6.30 -13.79 12.25
CA VAL B 21 -7.69 -13.42 12.46
C VAL B 21 -8.31 -12.76 11.23
N ARG B 22 -7.62 -11.75 10.69
CA ARG B 22 -8.17 -10.96 9.60
C ARG B 22 -8.19 -11.68 8.26
N LEU B 23 -7.46 -12.79 8.15
CA LEU B 23 -7.40 -13.55 6.91
C LEU B 23 -8.28 -14.79 6.93
N SER B 24 -8.48 -15.37 8.11
CA SER B 24 -9.26 -16.60 8.22
C SER B 24 -10.75 -16.37 8.03
N ILE B 25 -11.26 -15.30 8.64
CA ILE B 25 -12.69 -14.98 8.57
C ILE B 25 -13.27 -14.92 7.15
N PRO B 26 -12.61 -14.23 6.20
CA PRO B 26 -13.15 -14.26 4.85
C PRO B 26 -13.10 -15.64 4.23
N MET B 27 -12.05 -16.40 4.53
CA MET B 27 -11.91 -17.76 4.02
C MET B 27 -13.01 -18.65 4.58
N MET B 28 -13.40 -18.39 5.82
CA MET B 28 -14.44 -19.16 6.50
C MET B 28 -15.80 -18.97 5.86
N ILE B 29 -16.16 -17.72 5.58
CA ILE B 29 -17.44 -17.41 4.94
C ILE B 29 -17.50 -18.03 3.55
N GLY B 30 -16.40 -17.94 2.81
CA GLY B 30 -16.34 -18.48 1.47
C GLY B 30 -16.42 -20.00 1.44
N MET B 31 -15.77 -20.65 2.40
CA MET B 31 -15.74 -22.10 2.46
C MET B 31 -17.02 -22.68 3.06
N SER B 32 -17.75 -21.85 3.80
CA SER B 32 -19.03 -22.27 4.36
C SER B 32 -20.09 -22.31 3.26
N VAL B 33 -19.83 -21.57 2.19
CA VAL B 33 -20.73 -21.55 1.04
C VAL B 33 -20.41 -22.70 0.08
N GLN B 34 -19.13 -22.99 -0.08
CA GLN B 34 -18.70 -24.06 -0.98
C GLN B 34 -19.05 -25.43 -0.43
N THR B 35 -19.21 -25.52 0.89
CA THR B 35 -19.57 -26.79 1.53
C THR B 35 -21.08 -26.91 1.68
N LEU B 36 -21.77 -25.78 1.58
CA LEU B 36 -23.23 -25.78 1.57
C LEU B 36 -23.73 -26.15 0.18
N TYR B 37 -22.86 -26.02 -0.81
CA TYR B 37 -23.16 -26.44 -2.17
C TYR B 37 -23.08 -27.96 -2.27
N ASN B 38 -22.03 -28.53 -1.69
CA ASN B 38 -21.85 -29.98 -1.66
C ASN B 38 -22.99 -30.67 -0.93
N LEU B 39 -23.54 -29.98 0.08
CA LEU B 39 -24.70 -30.49 0.81
C LEU B 39 -25.94 -30.41 -0.06
N ALA B 40 -26.13 -29.26 -0.71
CA ALA B 40 -27.28 -29.05 -1.58
C ALA B 40 -27.25 -29.95 -2.81
N ASP B 41 -26.11 -30.00 -3.48
CA ASP B 41 -25.95 -30.81 -4.69
C ASP B 41 -26.10 -32.31 -4.38
N GLY B 42 -25.78 -32.68 -3.15
CA GLY B 42 -25.92 -34.06 -2.72
C GLY B 42 -27.36 -34.44 -2.47
N ILE B 43 -28.20 -33.42 -2.24
CA ILE B 43 -29.63 -33.64 -2.01
C ILE B 43 -30.39 -33.73 -3.33
N TRP B 44 -30.08 -32.84 -4.26
CA TRP B 44 -30.74 -32.81 -5.56
C TRP B 44 -30.51 -34.08 -6.36
N VAL B 45 -29.27 -34.56 -6.36
CA VAL B 45 -28.91 -35.76 -7.10
C VAL B 45 -29.51 -37.01 -6.48
N SER B 46 -29.74 -36.97 -5.16
CA SER B 46 -30.24 -38.13 -4.42
C SER B 46 -31.70 -38.46 -4.76
N GLY B 47 -32.45 -37.47 -5.24
CA GLY B 47 -33.84 -37.67 -5.59
C GLY B 47 -34.07 -37.76 -7.09
N LEU B 48 -33.25 -38.56 -7.76
CA LEU B 48 -33.34 -38.69 -9.22
C LEU B 48 -33.38 -40.14 -9.67
N GLY B 49 -33.33 -41.07 -8.72
CA GLY B 49 -33.41 -42.48 -9.02
C GLY B 49 -32.14 -43.25 -8.75
N PRO B 50 -32.20 -44.59 -8.87
CA PRO B 50 -31.04 -45.47 -8.66
C PRO B 50 -30.12 -45.52 -9.88
N GLU B 51 -30.66 -45.21 -11.05
CA GLU B 51 -29.87 -45.21 -12.28
C GLU B 51 -28.88 -44.04 -12.28
N SER B 52 -29.34 -42.88 -11.85
CA SER B 52 -28.49 -41.69 -11.79
C SER B 52 -27.52 -41.79 -10.62
N LEU B 53 -27.92 -42.52 -9.58
CA LEU B 53 -27.07 -42.73 -8.41
C LEU B 53 -25.90 -43.65 -8.77
N ALA B 54 -26.13 -44.52 -9.75
CA ALA B 54 -25.06 -45.39 -10.25
C ALA B 54 -24.12 -44.56 -11.11
N ALA B 55 -24.66 -43.55 -11.77
CA ALA B 55 -23.87 -42.66 -12.59
C ALA B 55 -22.92 -41.83 -11.74
N VAL B 56 -23.42 -41.30 -10.63
CA VAL B 56 -22.61 -40.44 -9.77
C VAL B 56 -21.48 -41.22 -9.11
N GLY B 57 -21.67 -42.53 -8.95
CA GLY B 57 -20.62 -43.38 -8.40
C GLY B 57 -19.66 -43.83 -9.48
N LEU B 58 -20.00 -43.50 -10.73
CA LEU B 58 -19.21 -43.92 -11.87
C LEU B 58 -18.19 -42.85 -12.28
N PHE B 59 -18.57 -41.57 -12.17
CA PHE B 59 -17.67 -40.50 -12.57
C PHE B 59 -16.95 -39.83 -11.39
N PHE B 60 -17.46 -40.05 -10.18
CA PHE B 60 -16.90 -39.44 -8.98
C PHE B 60 -15.38 -39.64 -8.78
N PRO B 61 -14.87 -40.87 -8.98
CA PRO B 61 -13.41 -41.03 -8.85
C PRO B 61 -12.62 -40.14 -9.81
N VAL B 62 -13.09 -40.04 -11.05
CA VAL B 62 -12.44 -39.19 -12.04
C VAL B 62 -12.75 -37.72 -11.75
N PHE B 63 -13.98 -37.47 -11.30
CA PHE B 63 -14.43 -36.11 -10.98
C PHE B 63 -13.63 -35.52 -9.82
N MET B 64 -13.46 -36.31 -8.76
CA MET B 64 -12.72 -35.86 -7.58
C MET B 64 -11.24 -35.69 -7.88
N GLY B 65 -10.74 -36.50 -8.82
CA GLY B 65 -9.35 -36.42 -9.23
C GLY B 65 -9.03 -35.08 -9.86
N ILE B 66 -10.01 -34.51 -10.54
CA ILE B 66 -9.87 -33.20 -11.16
C ILE B 66 -9.87 -32.11 -10.10
N ILE B 67 -10.79 -32.21 -9.16
CA ILE B 67 -10.90 -31.24 -8.07
C ILE B 67 -9.67 -31.31 -7.16
N ALA B 68 -9.17 -32.51 -6.92
CA ALA B 68 -7.99 -32.69 -6.10
C ALA B 68 -6.77 -32.05 -6.73
N LEU B 69 -6.60 -32.26 -8.03
CA LEU B 69 -5.48 -31.69 -8.77
C LEU B 69 -5.61 -30.18 -8.86
N ALA B 70 -6.84 -29.69 -8.89
CA ALA B 70 -7.10 -28.26 -8.97
C ALA B 70 -6.84 -27.58 -7.63
N ALA B 71 -7.43 -28.12 -6.57
CA ALA B 71 -7.26 -27.58 -5.22
C ALA B 71 -5.80 -27.65 -4.79
N GLY B 72 -5.13 -28.74 -5.13
CA GLY B 72 -3.74 -28.93 -4.77
C GLY B 72 -2.84 -27.91 -5.42
N LEU B 73 -3.04 -27.70 -6.71
CA LEU B 73 -2.26 -26.72 -7.47
C LEU B 73 -2.51 -25.30 -6.94
N GLY B 74 -3.67 -25.09 -6.33
CA GLY B 74 -4.00 -23.81 -5.75
C GLY B 74 -3.30 -23.55 -4.43
N VAL B 75 -3.08 -24.62 -3.66
CA VAL B 75 -2.36 -24.51 -2.40
C VAL B 75 -0.87 -24.33 -2.66
N GLY B 76 -0.36 -25.00 -3.68
CA GLY B 76 1.03 -24.89 -4.07
C GLY B 76 1.38 -23.48 -4.52
N THR B 77 0.46 -22.87 -5.26
CA THR B 77 0.64 -21.50 -5.71
C THR B 77 0.56 -20.53 -4.54
N SER B 78 -0.40 -20.78 -3.64
CA SER B 78 -0.56 -19.99 -2.43
C SER B 78 0.67 -20.06 -1.52
N SER B 79 1.23 -21.26 -1.39
CA SER B 79 2.40 -21.48 -0.56
C SER B 79 3.64 -20.76 -1.09
N ALA B 80 3.86 -20.87 -2.40
CA ALA B 80 5.06 -20.29 -3.01
C ALA B 80 5.06 -18.77 -2.96
N ILE B 81 3.93 -18.16 -3.32
CA ILE B 81 3.82 -16.72 -3.36
C ILE B 81 3.98 -16.10 -1.97
N ALA B 82 3.35 -16.72 -0.98
CA ALA B 82 3.40 -16.24 0.40
C ALA B 82 4.83 -16.18 0.93
N ARG B 83 5.66 -17.16 0.54
CA ARG B 83 7.04 -17.20 0.97
C ARG B 83 7.89 -16.12 0.29
N ARG B 84 7.62 -15.86 -0.99
CA ARG B 84 8.35 -14.84 -1.72
C ARG B 84 8.04 -13.46 -1.15
N ILE B 85 6.80 -13.25 -0.74
CA ILE B 85 6.36 -11.97 -0.20
C ILE B 85 7.06 -11.67 1.12
N GLY B 86 7.13 -12.67 1.99
CA GLY B 86 7.82 -12.54 3.27
C GLY B 86 9.30 -12.25 3.11
N ALA B 87 9.91 -12.87 2.11
CA ALA B 87 11.32 -12.65 1.83
C ALA B 87 11.54 -11.38 1.00
N ARG B 88 10.44 -10.67 0.75
CA ARG B 88 10.46 -9.44 -0.05
C ARG B 88 11.06 -9.67 -1.44
N ASP B 89 10.68 -10.77 -2.06
CA ASP B 89 11.13 -11.10 -3.41
C ASP B 89 9.98 -10.90 -4.39
N LYS B 90 9.85 -9.67 -4.89
CA LYS B 90 8.76 -9.32 -5.79
C LYS B 90 8.85 -10.05 -7.13
N GLU B 91 10.04 -10.05 -7.72
CA GLU B 91 10.26 -10.70 -9.01
C GLU B 91 9.97 -12.19 -8.94
N GLY B 92 10.26 -12.79 -7.79
CA GLY B 92 9.99 -14.19 -7.57
C GLY B 92 8.51 -14.46 -7.41
N ALA B 93 7.82 -13.54 -6.73
CA ALA B 93 6.39 -13.66 -6.50
C ALA B 93 5.60 -13.57 -7.80
N ASP B 94 6.05 -12.70 -8.71
CA ASP B 94 5.43 -12.55 -10.01
C ASP B 94 5.69 -13.80 -10.85
N ASN B 95 6.88 -14.35 -10.72
CA ASN B 95 7.29 -15.51 -11.51
C ASN B 95 6.49 -16.76 -11.16
N VAL B 96 6.11 -16.88 -9.89
CA VAL B 96 5.30 -18.01 -9.45
C VAL B 96 3.91 -17.94 -10.08
N ALA B 97 3.31 -16.76 -10.06
CA ALA B 97 1.97 -16.55 -10.59
C ALA B 97 1.88 -16.92 -12.07
N VAL B 98 2.79 -16.37 -12.87
CA VAL B 98 2.78 -16.63 -14.30
C VAL B 98 3.05 -18.11 -14.59
N HIS B 99 3.94 -18.70 -13.81
CA HIS B 99 4.22 -20.14 -13.93
C HIS B 99 2.96 -20.97 -13.71
N SER B 100 2.20 -20.59 -12.68
CA SER B 100 1.00 -21.32 -12.31
C SER B 100 -0.11 -21.21 -13.36
N LEU B 101 -0.22 -20.05 -13.98
CA LEU B 101 -1.24 -19.81 -14.98
C LEU B 101 -1.00 -20.64 -16.24
N ILE B 102 0.27 -20.79 -16.61
CA ILE B 102 0.64 -21.65 -17.73
C ILE B 102 0.53 -23.12 -17.30
N LEU B 103 0.80 -23.36 -16.02
CA LEU B 103 0.68 -24.71 -15.46
C LEU B 103 -0.77 -25.16 -15.46
N SER B 104 -1.68 -24.20 -15.29
CA SER B 104 -3.11 -24.50 -15.29
C SER B 104 -3.62 -24.69 -16.72
N LEU B 105 -2.98 -24.00 -17.66
CA LEU B 105 -3.35 -24.08 -19.06
C LEU B 105 -2.94 -25.43 -19.65
N ILE B 106 -1.70 -25.82 -19.42
CA ILE B 106 -1.17 -27.08 -19.94
C ILE B 106 -1.83 -28.28 -19.28
N LEU B 107 -1.83 -28.31 -17.95
CA LEU B 107 -2.43 -29.42 -17.22
C LEU B 107 -3.94 -29.48 -17.42
N GLY B 108 -4.55 -28.31 -17.62
CA GLY B 108 -5.99 -28.22 -17.82
C GLY B 108 -6.43 -28.84 -19.14
N VAL B 109 -5.73 -28.48 -20.20
CA VAL B 109 -6.02 -29.02 -21.53
C VAL B 109 -5.65 -30.50 -21.61
N THR B 110 -4.52 -30.85 -21.00
CA THR B 110 -4.04 -32.23 -21.00
C THR B 110 -5.05 -33.20 -20.37
N ILE B 111 -5.59 -32.82 -19.22
CA ILE B 111 -6.61 -33.63 -18.55
C ILE B 111 -7.81 -33.83 -19.46
N THR B 112 -8.23 -32.78 -20.15
CA THR B 112 -9.31 -32.88 -21.12
C THR B 112 -8.90 -33.77 -22.29
N ILE B 113 -7.70 -33.52 -22.81
CA ILE B 113 -7.17 -34.28 -23.94
C ILE B 113 -6.96 -35.76 -23.63
N THR B 114 -6.49 -36.06 -22.42
CA THR B 114 -6.16 -37.43 -22.06
C THR B 114 -7.36 -38.26 -21.59
N MET B 115 -8.33 -37.60 -20.97
CA MET B 115 -9.45 -38.32 -20.35
C MET B 115 -10.70 -38.42 -21.21
N LEU B 116 -11.06 -37.32 -21.87
CA LEU B 116 -12.29 -37.26 -22.66
C LEU B 116 -12.43 -38.36 -23.74
N PRO B 117 -11.37 -38.63 -24.53
CA PRO B 117 -11.51 -39.71 -25.50
C PRO B 117 -11.35 -41.09 -24.86
N ALA B 118 -10.88 -41.14 -23.62
CA ALA B 118 -10.65 -42.40 -22.94
C ALA B 118 -11.70 -42.67 -21.86
N ILE B 119 -12.61 -41.71 -21.66
CA ILE B 119 -13.64 -41.83 -20.64
C ILE B 119 -14.65 -42.93 -20.96
N ASP B 120 -14.90 -43.14 -22.25
CA ASP B 120 -15.89 -44.11 -22.69
C ASP B 120 -15.48 -45.56 -22.41
N SER B 121 -14.23 -45.89 -22.71
CA SER B 121 -13.74 -47.26 -22.55
C SER B 121 -13.68 -47.70 -21.10
N LEU B 122 -13.17 -46.81 -20.24
CA LEU B 122 -13.02 -47.12 -18.82
C LEU B 122 -14.36 -47.33 -18.13
N PHE B 123 -15.34 -46.53 -18.50
CA PHE B 123 -16.67 -46.57 -17.89
C PHE B 123 -17.41 -47.88 -18.18
N ARG B 124 -17.42 -48.29 -19.45
CA ARG B 124 -18.10 -49.51 -19.87
C ARG B 124 -17.54 -50.74 -19.16
N SER B 125 -16.23 -50.73 -18.91
CA SER B 125 -15.58 -51.82 -18.20
C SER B 125 -15.96 -51.82 -16.72
N MET B 126 -15.90 -50.64 -16.11
CA MET B 126 -16.19 -50.51 -14.68
C MET B 126 -17.37 -49.58 -14.42
N VAL B 133 -23.99 -45.30 -17.22
CA VAL B 133 -22.98 -45.36 -18.27
C VAL B 133 -23.23 -44.27 -19.32
N GLU B 134 -24.46 -44.19 -19.81
CA GLU B 134 -24.84 -43.17 -20.78
C GLU B 134 -24.93 -41.80 -20.12
N LEU B 135 -25.43 -41.77 -18.90
CA LEU B 135 -25.55 -40.54 -18.14
C LEU B 135 -24.20 -40.08 -17.60
N ALA B 136 -23.37 -41.04 -17.19
CA ALA B 136 -22.06 -40.74 -16.64
C ALA B 136 -21.12 -40.18 -17.70
N ILE B 137 -21.14 -40.77 -18.89
CA ILE B 137 -20.35 -40.28 -20.01
C ILE B 137 -20.81 -38.86 -20.37
N GLU B 138 -22.10 -38.61 -20.21
CA GLU B 138 -22.67 -37.30 -20.48
C GLU B 138 -22.19 -36.28 -19.44
N TYR B 139 -22.10 -36.71 -18.18
CA TYR B 139 -21.61 -35.85 -17.12
C TYR B 139 -20.13 -35.52 -17.33
N ALA B 140 -19.34 -36.55 -17.61
CA ALA B 140 -17.92 -36.38 -17.79
C ALA B 140 -17.61 -35.46 -18.98
N ARG B 141 -18.42 -35.58 -20.03
CA ARG B 141 -18.21 -34.82 -21.25
C ARG B 141 -18.29 -33.31 -21.02
N VAL B 142 -19.26 -32.89 -20.21
CA VAL B 142 -19.46 -31.47 -19.94
C VAL B 142 -18.49 -30.96 -18.86
N LEU B 143 -18.18 -31.82 -17.90
CA LEU B 143 -17.26 -31.46 -16.82
C LEU B 143 -15.82 -31.38 -17.31
N LEU B 144 -15.40 -32.37 -18.10
CA LEU B 144 -14.04 -32.40 -18.63
C LEU B 144 -13.80 -31.29 -19.64
N ALA B 145 -14.89 -30.75 -20.21
CA ALA B 145 -14.80 -29.67 -21.17
C ALA B 145 -14.26 -28.40 -20.54
N GLY B 146 -14.49 -28.24 -19.24
CA GLY B 146 -14.02 -27.08 -18.51
C GLY B 146 -12.98 -27.44 -17.47
N ALA B 147 -12.13 -28.42 -17.79
CA ALA B 147 -11.07 -28.83 -16.87
C ALA B 147 -10.04 -27.72 -16.69
N PHE B 148 -9.92 -26.87 -17.71
CA PHE B 148 -9.02 -25.72 -17.64
C PHE B 148 -9.67 -24.60 -16.83
N ILE B 149 -10.98 -24.47 -16.93
CA ILE B 149 -11.74 -23.46 -16.20
C ILE B 149 -11.65 -23.71 -14.70
N ILE B 150 -11.82 -24.95 -14.29
CA ILE B 150 -11.78 -25.32 -12.88
C ILE B 150 -10.40 -25.09 -12.27
N VAL B 151 -9.36 -25.53 -12.97
CA VAL B 151 -7.99 -25.44 -12.45
C VAL B 151 -7.49 -24.00 -12.43
N PHE B 152 -7.95 -23.19 -13.38
CA PHE B 152 -7.57 -21.78 -13.43
C PHE B 152 -8.13 -21.00 -12.24
N ASN B 153 -9.35 -21.36 -11.82
CA ASN B 153 -10.00 -20.71 -10.69
C ASN B 153 -9.23 -20.91 -9.38
N ASN B 154 -8.81 -22.14 -9.13
CA ASN B 154 -8.06 -22.47 -7.92
C ASN B 154 -6.64 -21.91 -7.96
N VAL B 155 -6.08 -21.78 -9.16
CA VAL B 155 -4.80 -21.12 -9.35
C VAL B 155 -4.95 -19.63 -9.12
N GLY B 156 -6.00 -19.04 -9.69
CA GLY B 156 -6.28 -17.63 -9.50
C GLY B 156 -6.58 -17.31 -8.04
N ASN B 157 -7.26 -18.23 -7.38
CA ASN B 157 -7.55 -18.08 -5.95
C ASN B 157 -6.28 -18.21 -5.12
N GLY B 158 -5.42 -19.13 -5.51
CA GLY B 158 -4.15 -19.34 -4.83
C GLY B 158 -3.26 -18.10 -4.88
N ILE B 159 -3.30 -17.40 -6.01
CA ILE B 159 -2.55 -16.17 -6.17
C ILE B 159 -3.05 -15.13 -5.17
N LEU B 160 -4.37 -15.01 -5.06
CA LEU B 160 -4.98 -14.06 -4.15
C LEU B 160 -4.82 -14.49 -2.69
N ARG B 161 -5.02 -15.78 -2.42
CA ARG B 161 -4.92 -16.30 -1.06
C ARG B 161 -3.51 -16.21 -0.50
N GLY B 162 -2.51 -16.43 -1.34
CA GLY B 162 -1.13 -16.35 -0.94
C GLY B 162 -0.57 -14.93 -1.03
N GLU B 163 -1.46 -13.96 -1.20
CA GLU B 163 -1.04 -12.57 -1.34
C GLU B 163 -1.58 -11.74 -0.18
N GLY B 164 -2.63 -12.24 0.45
CA GLY B 164 -3.27 -11.55 1.56
C GLY B 164 -4.65 -11.05 1.20
N ASP B 165 -5.04 -11.26 -0.06
CA ASP B 165 -6.36 -10.87 -0.53
C ASP B 165 -7.39 -11.94 -0.17
N ALA B 166 -7.68 -12.07 1.12
CA ALA B 166 -8.62 -13.07 1.60
C ALA B 166 -10.06 -12.68 1.25
N ASN B 167 -10.28 -11.37 1.14
CA ASN B 167 -11.62 -10.86 0.85
C ASN B 167 -11.97 -11.05 -0.62
N ARG B 168 -10.97 -10.91 -1.49
CA ARG B 168 -11.16 -11.09 -2.92
C ARG B 168 -11.24 -12.57 -3.28
N ALA B 169 -10.55 -13.40 -2.50
CA ALA B 169 -10.59 -14.84 -2.70
C ALA B 169 -11.93 -15.40 -2.25
N MET B 170 -12.47 -14.83 -1.18
CA MET B 170 -13.79 -15.19 -0.69
C MET B 170 -14.85 -14.90 -1.75
N LEU B 171 -14.72 -13.75 -2.42
CA LEU B 171 -15.65 -13.35 -3.47
C LEU B 171 -15.75 -14.37 -4.59
N ALA B 172 -14.61 -14.90 -5.01
CA ALA B 172 -14.58 -15.91 -6.06
C ALA B 172 -15.24 -17.21 -5.60
N MET B 173 -15.14 -17.49 -4.31
CA MET B 173 -15.72 -18.70 -3.73
C MET B 173 -17.22 -18.53 -3.48
N VAL B 174 -17.61 -17.36 -2.99
CA VAL B 174 -19.01 -17.06 -2.72
C VAL B 174 -19.82 -16.99 -4.02
N LEU B 175 -19.26 -16.31 -5.02
CA LEU B 175 -19.91 -16.18 -6.32
C LEU B 175 -20.00 -17.52 -7.05
N GLY B 176 -18.92 -18.28 -7.02
CA GLY B 176 -18.85 -19.55 -7.70
C GLY B 176 -19.81 -20.59 -7.14
N SER B 177 -19.79 -20.74 -5.82
CA SER B 177 -20.64 -21.73 -5.16
C SER B 177 -22.09 -21.24 -5.04
N GLY B 178 -22.25 -19.94 -4.84
CA GLY B 178 -23.57 -19.35 -4.72
C GLY B 178 -24.37 -19.45 -5.99
N LEU B 179 -23.70 -19.20 -7.12
CA LEU B 179 -24.33 -19.32 -8.43
C LEU B 179 -24.63 -20.78 -8.72
N ASN B 180 -23.78 -21.66 -8.20
CA ASN B 180 -23.96 -23.11 -8.37
C ASN B 180 -25.16 -23.60 -7.57
N ILE B 181 -25.36 -23.03 -6.39
CA ILE B 181 -26.50 -23.35 -5.55
C ILE B 181 -27.80 -22.93 -6.23
N VAL B 182 -27.77 -21.78 -6.89
CA VAL B 182 -28.93 -21.25 -7.60
C VAL B 182 -29.27 -22.06 -8.84
N LEU B 183 -28.27 -22.24 -9.72
CA LEU B 183 -28.49 -22.88 -11.01
C LEU B 183 -28.74 -24.39 -10.92
N ASP B 184 -28.42 -24.98 -9.77
CA ASP B 184 -28.51 -26.44 -9.62
C ASP B 184 -29.92 -27.02 -9.84
N PRO B 185 -30.92 -26.56 -9.07
CA PRO B 185 -32.24 -27.15 -9.31
C PRO B 185 -32.86 -26.68 -10.63
N ILE B 186 -32.36 -25.57 -11.16
CA ILE B 186 -32.85 -25.05 -12.42
C ILE B 186 -32.49 -25.97 -13.58
N PHE B 187 -31.21 -26.37 -13.62
CA PHE B 187 -30.72 -27.23 -14.69
C PHE B 187 -31.20 -28.68 -14.54
N ILE B 188 -31.30 -29.14 -13.30
CA ILE B 188 -31.65 -30.53 -13.02
C ILE B 188 -33.14 -30.82 -13.20
N TYR B 189 -33.99 -29.96 -12.65
CA TYR B 189 -35.43 -30.23 -12.64
C TYR B 189 -36.24 -29.34 -13.57
N THR B 190 -36.07 -28.03 -13.46
CA THR B 190 -36.85 -27.09 -14.26
C THR B 190 -36.63 -27.26 -15.76
N LEU B 191 -35.38 -27.32 -16.17
CA LEU B 191 -35.04 -27.44 -17.58
C LEU B 191 -34.69 -28.89 -17.95
N GLY B 194 -31.34 -33.55 -15.72
CA GLY B 194 -31.25 -34.53 -14.65
C GLY B 194 -29.90 -34.52 -13.99
N VAL B 195 -29.20 -35.65 -14.06
CA VAL B 195 -27.87 -35.78 -13.47
C VAL B 195 -26.85 -34.96 -14.25
N VAL B 196 -27.05 -34.87 -15.55
CA VAL B 196 -26.14 -34.13 -16.42
C VAL B 196 -26.20 -32.64 -16.15
N GLY B 197 -27.36 -32.17 -15.72
CA GLY B 197 -27.57 -30.76 -15.42
C GLY B 197 -26.77 -30.29 -14.21
N ALA B 198 -26.37 -31.23 -13.36
CA ALA B 198 -25.59 -30.91 -12.18
C ALA B 198 -24.21 -30.42 -12.56
N ALA B 199 -23.67 -30.94 -13.67
CA ALA B 199 -22.36 -30.54 -14.15
C ALA B 199 -22.47 -29.28 -15.01
N TYR B 200 -23.57 -29.16 -15.74
CA TYR B 200 -23.83 -27.96 -16.54
C TYR B 200 -23.93 -26.74 -15.64
N ALA B 201 -24.53 -26.92 -14.47
CA ALA B 201 -24.61 -25.86 -13.48
C ALA B 201 -23.22 -25.54 -12.94
N THR B 202 -22.42 -26.57 -12.70
CA THR B 202 -21.05 -26.42 -12.22
C THR B 202 -20.18 -25.78 -13.30
N LEU B 203 -20.43 -26.15 -14.55
CA LEU B 203 -19.71 -25.57 -15.68
C LEU B 203 -19.99 -24.07 -15.80
N LEU B 204 -21.27 -23.72 -15.88
CA LEU B 204 -21.68 -22.34 -16.06
C LEU B 204 -21.31 -21.46 -14.87
N SER B 205 -21.29 -22.05 -13.68
CA SER B 205 -20.95 -21.30 -12.48
C SER B 205 -19.49 -20.89 -12.47
N MET B 206 -18.62 -21.80 -12.89
CA MET B 206 -17.18 -21.57 -12.80
C MET B 206 -16.61 -20.77 -13.98
N VAL B 207 -17.34 -20.70 -15.08
CA VAL B 207 -16.90 -19.87 -16.21
C VAL B 207 -17.20 -18.41 -15.96
N VAL B 208 -18.26 -18.14 -15.20
CA VAL B 208 -18.58 -16.78 -14.78
C VAL B 208 -17.56 -16.33 -13.74
N THR B 209 -17.24 -17.24 -12.82
CA THR B 209 -16.23 -16.99 -11.81
C THR B 209 -14.87 -16.77 -12.45
N SER B 210 -14.60 -17.53 -13.51
CA SER B 210 -13.36 -17.42 -14.25
C SER B 210 -13.20 -16.04 -14.86
N LEU B 211 -14.32 -15.46 -15.30
CA LEU B 211 -14.31 -14.13 -15.88
C LEU B 211 -13.95 -13.08 -14.84
N PHE B 212 -14.49 -13.25 -13.63
CA PHE B 212 -14.23 -12.30 -12.55
C PHE B 212 -12.80 -12.39 -12.05
N ILE B 213 -12.26 -13.61 -11.99
CA ILE B 213 -10.89 -13.81 -11.54
C ILE B 213 -9.89 -13.24 -12.55
N ALA B 214 -10.19 -13.41 -13.83
CA ALA B 214 -9.38 -12.85 -14.89
C ALA B 214 -9.47 -11.33 -14.90
N TYR B 215 -10.63 -10.82 -14.50
CA TYR B 215 -10.87 -9.39 -14.37
C TYR B 215 -9.89 -8.77 -13.36
N TRP B 216 -9.81 -9.38 -12.19
CA TRP B 216 -8.96 -8.88 -11.13
C TRP B 216 -7.48 -9.01 -11.46
N LEU B 217 -7.12 -10.09 -12.15
CA LEU B 217 -5.73 -10.41 -12.42
C LEU B 217 -5.16 -9.65 -13.63
N PHE B 218 -5.92 -9.63 -14.72
CA PHE B 218 -5.42 -9.06 -15.98
C PHE B 218 -5.95 -7.66 -16.27
N VAL B 219 -7.25 -7.46 -16.08
CA VAL B 219 -7.87 -6.18 -16.40
C VAL B 219 -7.59 -5.10 -15.36
N LYS B 220 -8.07 -5.31 -14.15
CA LYS B 220 -7.94 -4.30 -13.10
C LYS B 220 -6.53 -4.25 -12.51
N ARG B 221 -5.84 -5.39 -12.55
CA ARG B 221 -4.47 -5.52 -12.03
C ARG B 221 -4.37 -5.12 -10.56
N ASP B 222 -5.36 -5.51 -9.77
CA ASP B 222 -5.43 -5.11 -8.36
C ASP B 222 -4.48 -5.91 -7.48
N THR B 223 -3.88 -6.96 -8.03
CA THR B 223 -2.98 -7.82 -7.27
C THR B 223 -1.66 -7.11 -6.96
N TYR B 224 -0.98 -7.57 -5.92
CA TYR B 224 0.34 -7.06 -5.58
C TYR B 224 1.37 -7.52 -6.60
N VAL B 225 1.16 -8.72 -7.13
CA VAL B 225 2.06 -9.27 -8.14
C VAL B 225 1.71 -8.78 -9.54
N ASP B 226 2.73 -8.60 -10.37
CA ASP B 226 2.52 -8.19 -11.76
C ASP B 226 2.56 -9.40 -12.68
N ILE B 227 1.56 -9.52 -13.54
CA ILE B 227 1.49 -10.63 -14.48
C ILE B 227 2.15 -10.24 -15.80
N THR B 228 3.00 -9.20 -15.74
CA THR B 228 3.76 -8.77 -16.90
C THR B 228 4.83 -9.80 -17.25
N LEU B 229 5.23 -9.85 -18.51
CA LEU B 229 6.14 -10.88 -18.99
C LEU B 229 7.62 -10.62 -18.67
N ARG B 230 7.93 -9.42 -18.21
CA ARG B 230 9.32 -9.05 -17.95
C ARG B 230 9.87 -9.73 -16.69
N ASP B 231 8.98 -10.12 -15.79
CA ASP B 231 9.39 -10.79 -14.55
C ASP B 231 9.36 -12.30 -14.68
N PHE B 232 8.75 -12.79 -15.76
CA PHE B 232 8.63 -14.23 -15.97
C PHE B 232 9.83 -14.84 -16.69
N SER B 233 10.42 -15.85 -16.08
CA SER B 233 11.53 -16.59 -16.67
C SER B 233 11.45 -18.05 -16.25
N PRO B 234 11.36 -18.95 -17.24
CA PRO B 234 11.20 -20.39 -17.01
C PRO B 234 12.29 -20.98 -16.12
N SER B 235 12.05 -20.99 -14.81
CA SER B 235 13.01 -21.53 -13.86
C SER B 235 12.56 -22.90 -13.35
N ARG B 236 13.53 -23.72 -12.96
CA ARG B 236 13.24 -25.05 -12.46
C ARG B 236 12.97 -25.04 -10.95
N GLU B 237 13.48 -24.01 -10.28
CA GLU B 237 13.30 -23.88 -8.84
C GLU B 237 11.86 -23.51 -8.50
N ILE B 238 11.25 -22.68 -9.35
CA ILE B 238 9.87 -22.27 -9.14
C ILE B 238 8.90 -23.42 -9.37
N LEU B 239 9.08 -24.13 -10.49
CA LEU B 239 8.22 -25.25 -10.84
C LEU B 239 8.27 -26.33 -9.77
N LYS B 240 9.47 -26.61 -9.28
CA LYS B 240 9.65 -27.60 -8.23
C LYS B 240 9.04 -27.12 -6.92
N ASP B 241 9.09 -25.81 -6.70
CA ASP B 241 8.55 -25.22 -5.48
C ASP B 241 7.03 -25.34 -5.43
N ILE B 242 6.39 -25.25 -6.59
CA ILE B 242 4.93 -25.35 -6.68
C ILE B 242 4.45 -26.78 -6.51
N LEU B 243 5.07 -27.71 -7.24
CA LEU B 243 4.71 -29.12 -7.18
C LEU B 243 5.04 -29.73 -5.82
N ARG B 244 6.03 -29.17 -5.14
CA ARG B 244 6.48 -29.66 -3.84
C ARG B 244 5.35 -29.65 -2.82
N VAL B 245 4.46 -28.67 -2.94
CA VAL B 245 3.30 -28.54 -2.07
C VAL B 245 2.03 -28.98 -2.80
N GLY B 246 1.92 -28.57 -4.06
CA GLY B 246 0.74 -28.84 -4.86
C GLY B 246 0.38 -30.30 -5.04
N LEU B 247 1.35 -31.11 -5.44
CA LEU B 247 1.11 -32.53 -5.68
C LEU B 247 0.78 -33.35 -4.42
N PRO B 248 1.53 -33.15 -3.31
CA PRO B 248 1.15 -33.88 -2.10
C PRO B 248 -0.22 -33.48 -1.56
N SER B 249 -0.57 -32.20 -1.72
CA SER B 249 -1.86 -31.71 -1.24
C SER B 249 -3.02 -32.30 -2.03
N SER B 250 -2.78 -32.64 -3.29
CA SER B 250 -3.79 -33.27 -4.12
C SER B 250 -4.07 -34.70 -3.66
N LEU B 251 -3.04 -35.33 -3.10
CA LEU B 251 -3.16 -36.69 -2.60
C LEU B 251 -3.84 -36.73 -1.23
N SER B 252 -3.58 -35.71 -0.42
CA SER B 252 -4.17 -35.64 0.92
C SER B 252 -5.68 -35.41 0.83
N GLN B 253 -6.10 -34.63 -0.15
CA GLN B 253 -7.51 -34.36 -0.37
C GLN B 253 -8.20 -35.58 -1.00
N LEU B 254 -7.45 -36.32 -1.80
CA LEU B 254 -7.97 -37.52 -2.45
C LEU B 254 -8.15 -38.64 -1.44
N SER B 255 -7.15 -38.82 -0.57
CA SER B 255 -7.20 -39.84 0.47
C SER B 255 -8.22 -39.48 1.54
N MET B 256 -8.54 -38.19 1.64
CA MET B 256 -9.54 -37.71 2.58
C MET B 256 -10.93 -38.16 2.11
N SER B 257 -11.13 -38.15 0.80
CA SER B 257 -12.38 -38.58 0.21
C SER B 257 -12.49 -40.10 0.23
N ILE B 258 -11.35 -40.77 0.02
CA ILE B 258 -11.30 -42.23 0.04
C ILE B 258 -11.57 -42.75 1.45
N ALA B 259 -11.18 -41.96 2.45
CA ALA B 259 -11.34 -42.35 3.86
C ALA B 259 -12.80 -42.50 4.23
N MET B 260 -13.64 -41.59 3.74
CA MET B 260 -15.06 -41.59 4.05
C MET B 260 -15.76 -42.81 3.46
N PHE B 261 -15.27 -43.28 2.32
CA PHE B 261 -15.83 -44.47 1.68
C PHE B 261 -15.58 -45.71 2.54
N PHE B 262 -14.39 -45.79 3.13
CA PHE B 262 -14.07 -46.87 4.06
C PHE B 262 -14.93 -46.77 5.31
N LEU B 263 -15.12 -45.55 5.79
CA LEU B 263 -15.95 -45.31 6.96
C LEU B 263 -17.40 -45.67 6.71
N ASN B 264 -17.80 -45.63 5.44
CA ASN B 264 -19.11 -46.13 5.04
C ASN B 264 -19.12 -47.66 5.11
N SER B 265 -17.99 -48.28 4.79
CA SER B 265 -17.84 -49.72 4.86
C SER B 265 -17.78 -50.19 6.31
N VAL B 266 -17.24 -49.34 7.18
CA VAL B 266 -17.27 -49.60 8.61
C VAL B 266 -18.70 -49.36 9.11
N ALA B 267 -19.37 -48.39 8.50
CA ALA B 267 -20.75 -48.08 8.84
C ALA B 267 -21.71 -49.19 8.42
N ILE B 268 -21.43 -49.81 7.28
CA ILE B 268 -22.31 -50.87 6.76
C ILE B 268 -22.12 -52.17 7.54
N THR B 269 -20.95 -52.32 8.15
CA THR B 269 -20.64 -53.53 8.91
C THR B 269 -20.96 -53.35 10.40
N ALA B 270 -21.33 -52.13 10.77
CA ALA B 270 -21.68 -51.82 12.15
C ALA B 270 -23.11 -51.31 12.26
N GLY B 272 -25.97 -51.28 9.09
CA GLY B 272 -26.28 -51.63 7.72
C GLY B 272 -26.77 -50.44 6.91
N GLU B 273 -28.00 -50.54 6.41
CA GLU B 273 -28.60 -49.45 5.65
C GLU B 273 -28.99 -48.32 6.60
N ASN B 274 -29.28 -48.68 7.84
CA ASN B 274 -29.57 -47.70 8.88
C ASN B 274 -28.28 -47.13 9.45
N GLY B 275 -27.17 -47.80 9.17
CA GLY B 275 -25.87 -47.36 9.63
C GLY B 275 -25.25 -46.31 8.72
N VAL B 276 -25.50 -46.43 7.43
CA VAL B 276 -25.00 -45.45 6.46
C VAL B 276 -25.91 -44.22 6.46
N ALA B 277 -27.11 -44.37 7.00
CA ALA B 277 -28.05 -43.27 7.12
C ALA B 277 -27.66 -42.38 8.28
N VAL B 278 -27.31 -42.99 9.40
CA VAL B 278 -26.93 -42.24 10.60
C VAL B 278 -25.53 -41.66 10.47
N PHE B 279 -24.68 -42.31 9.67
CA PHE B 279 -23.32 -41.84 9.47
C PHE B 279 -23.28 -40.65 8.51
N THR B 280 -24.11 -40.69 7.48
CA THR B 280 -24.17 -39.63 6.50
C THR B 280 -24.69 -38.34 7.15
N SER B 281 -25.65 -38.49 8.05
CA SER B 281 -26.20 -37.36 8.79
C SER B 281 -25.14 -36.77 9.71
N ALA B 282 -24.40 -37.64 10.39
CA ALA B 282 -23.35 -37.22 11.31
C ALA B 282 -22.20 -36.52 10.57
N TRP B 283 -21.86 -37.05 9.40
CA TRP B 283 -20.77 -36.50 8.60
C TRP B 283 -21.14 -35.16 7.97
N ARG B 284 -22.42 -35.00 7.63
CA ARG B 284 -22.89 -33.77 7.00
C ARG B 284 -22.84 -32.59 7.97
N ILE B 285 -23.33 -32.79 9.18
CA ILE B 285 -23.33 -31.76 10.21
C ILE B 285 -21.90 -31.42 10.64
N THR B 286 -21.06 -32.44 10.72
CA THR B 286 -19.68 -32.27 11.16
C THR B 286 -18.83 -31.53 10.13
N MET B 287 -19.18 -31.69 8.86
CA MET B 287 -18.47 -31.01 7.78
C MET B 287 -18.74 -29.52 7.83
N LEU B 288 -19.93 -29.15 8.27
CA LEU B 288 -20.31 -27.75 8.40
C LEU B 288 -19.67 -27.14 9.64
N GLY B 289 -19.44 -27.97 10.65
CA GLY B 289 -18.86 -27.52 11.90
C GLY B 289 -17.35 -27.48 11.88
N ILE B 290 -16.75 -28.06 10.85
CA ILE B 290 -15.30 -28.11 10.72
C ILE B 290 -14.81 -26.93 9.86
N VAL B 291 -15.77 -26.16 9.36
CA VAL B 291 -15.47 -25.00 8.51
C VAL B 291 -14.48 -23.97 9.11
N PRO B 292 -14.65 -23.59 10.40
CA PRO B 292 -13.69 -22.64 10.97
C PRO B 292 -12.25 -23.16 10.94
N ILE B 293 -12.08 -24.48 10.98
CA ILE B 293 -10.77 -25.08 10.91
C ILE B 293 -10.21 -24.99 9.49
N LEU B 294 -11.04 -25.35 8.51
CA LEU B 294 -10.66 -25.27 7.10
C LEU B 294 -10.34 -23.85 6.69
N GLY B 295 -11.13 -22.89 7.20
CA GLY B 295 -10.93 -21.50 6.88
C GLY B 295 -9.64 -20.97 7.49
N MET B 296 -9.33 -21.42 8.69
CA MET B 296 -8.14 -20.97 9.40
C MET B 296 -6.89 -21.69 8.87
N ALA B 297 -7.09 -22.90 8.35
CA ALA B 297 -6.00 -23.67 7.78
C ALA B 297 -5.42 -22.97 6.55
N ALA B 298 -6.31 -22.37 5.76
CA ALA B 298 -5.89 -21.64 4.57
C ALA B 298 -5.12 -20.38 4.96
N ALA B 299 -5.54 -19.74 6.05
CA ALA B 299 -4.90 -18.51 6.52
C ALA B 299 -3.51 -18.79 7.08
N THR B 300 -3.37 -19.92 7.76
CA THR B 300 -2.11 -20.30 8.38
C THR B 300 -1.02 -20.54 7.34
N THR B 301 -1.39 -21.17 6.24
CA THR B 301 -0.45 -21.46 5.15
C THR B 301 0.15 -20.18 4.60
N SER B 302 -0.64 -19.10 4.62
CA SER B 302 -0.18 -17.80 4.12
C SER B 302 0.72 -17.08 5.12
N VAL B 303 0.31 -17.09 6.39
CA VAL B 303 1.04 -16.36 7.43
C VAL B 303 2.36 -17.07 7.80
N THR B 304 2.29 -18.39 7.96
CA THR B 304 3.50 -19.16 8.26
C THR B 304 4.44 -19.20 7.07
N GLY B 305 3.87 -19.14 5.87
CA GLY B 305 4.66 -19.03 4.66
C GLY B 305 5.38 -17.70 4.60
N ALA B 306 4.69 -16.64 5.03
CA ALA B 306 5.27 -15.30 5.06
C ALA B 306 6.36 -15.21 6.12
N ALA B 307 6.13 -15.84 7.27
CA ALA B 307 7.09 -15.83 8.36
C ALA B 307 8.35 -16.63 7.98
N TYR B 308 8.16 -17.65 7.17
CA TYR B 308 9.27 -18.49 6.74
C TYR B 308 10.19 -17.73 5.80
N GLY B 309 9.61 -16.82 5.03
CA GLY B 309 10.38 -16.02 4.08
C GLY B 309 11.26 -15.00 4.76
N GLU B 310 10.76 -14.43 5.85
CA GLU B 310 11.52 -13.44 6.62
C GLU B 310 12.47 -14.14 7.60
N ARG B 311 12.43 -15.47 7.59
CA ARG B 311 13.26 -16.29 8.46
C ARG B 311 13.02 -16.00 9.94
N ASN B 312 11.79 -15.62 10.27
CA ASN B 312 11.41 -15.36 11.65
C ASN B 312 10.64 -16.55 12.23
N VAL B 313 11.37 -17.45 12.89
CA VAL B 313 10.76 -18.66 13.45
C VAL B 313 9.88 -18.35 14.66
N GLU B 314 10.18 -17.26 15.35
CA GLU B 314 9.40 -16.85 16.52
C GLU B 314 7.98 -16.45 16.12
N LYS B 315 7.86 -15.71 15.02
CA LYS B 315 6.56 -15.29 14.51
C LYS B 315 5.82 -16.47 13.88
N LEU B 316 6.58 -17.36 13.25
CA LEU B 316 6.02 -18.57 12.66
C LEU B 316 5.45 -19.46 13.75
N GLU B 317 6.15 -19.56 14.87
CA GLU B 317 5.69 -20.35 16.01
C GLU B 317 4.45 -19.71 16.62
N THR B 318 4.43 -18.38 16.67
CA THR B 318 3.31 -17.65 17.23
C THR B 318 2.07 -17.82 16.37
N ALA B 319 2.24 -17.65 15.06
CA ALA B 319 1.13 -17.79 14.11
C ALA B 319 0.62 -19.23 14.03
N TYR B 320 1.48 -20.17 14.42
CA TYR B 320 1.12 -21.58 14.41
C TYR B 320 0.35 -21.94 15.67
N LEU B 321 0.75 -21.35 16.79
CA LEU B 321 0.12 -21.64 18.07
C LEU B 321 -1.11 -20.79 18.32
N TYR B 322 -1.17 -19.62 17.70
CA TYR B 322 -2.31 -18.73 17.86
C TYR B 322 -3.50 -19.20 17.02
N ALA B 323 -3.20 -19.83 15.89
CA ALA B 323 -4.24 -20.38 15.04
C ALA B 323 -4.94 -21.53 15.75
N ILE B 324 -4.15 -22.38 16.41
CA ILE B 324 -4.70 -23.51 17.15
C ILE B 324 -5.56 -23.03 18.33
N LYS B 325 -5.02 -22.11 19.12
CA LYS B 325 -5.70 -21.61 20.32
C LYS B 325 -7.04 -20.98 20.01
N ILE B 326 -7.08 -20.16 18.96
CA ILE B 326 -8.32 -19.50 18.56
C ILE B 326 -9.34 -20.49 18.00
N ALA B 327 -8.88 -21.36 17.09
CA ALA B 327 -9.74 -22.37 16.49
C ALA B 327 -10.26 -23.37 17.52
N PHE B 328 -9.46 -23.59 18.57
CA PHE B 328 -9.88 -24.46 19.66
C PHE B 328 -10.97 -23.79 20.49
N MET B 329 -10.82 -22.48 20.69
CA MET B 329 -11.80 -21.70 21.43
C MET B 329 -13.08 -21.51 20.62
N ILE B 330 -12.97 -21.64 19.31
CA ILE B 330 -14.12 -21.54 18.42
C ILE B 330 -14.94 -22.82 18.43
N GLU B 331 -14.25 -23.95 18.26
CA GLU B 331 -14.91 -25.25 18.17
C GLU B 331 -15.64 -25.65 19.46
N LEU B 332 -15.22 -25.06 20.58
CA LEU B 332 -15.86 -25.34 21.86
C LEU B 332 -17.30 -24.87 21.83
N ALA B 333 -17.54 -23.72 21.21
CA ALA B 333 -18.90 -23.20 21.07
C ALA B 333 -19.65 -23.94 19.96
N VAL B 334 -18.90 -24.49 19.02
CA VAL B 334 -19.47 -25.25 17.92
C VAL B 334 -20.04 -26.58 18.43
N VAL B 335 -19.30 -27.21 19.33
CA VAL B 335 -19.74 -28.46 19.95
C VAL B 335 -20.96 -28.23 20.84
N ALA B 336 -20.93 -27.14 21.60
CA ALA B 336 -22.00 -26.82 22.55
C ALA B 336 -23.37 -26.74 21.89
N PHE B 337 -23.44 -26.09 20.73
CA PHE B 337 -24.69 -25.98 19.99
C PHE B 337 -25.17 -27.34 19.51
N ILE B 338 -24.23 -28.22 19.24
CA ILE B 338 -24.56 -29.58 18.79
C ILE B 338 -25.00 -30.45 19.96
N LEU B 362 -29.23 -41.47 16.49
CA LEU B 362 -28.71 -40.28 15.83
C LEU B 362 -28.33 -39.20 16.84
N ILE B 363 -29.15 -39.07 17.88
CA ILE B 363 -28.90 -38.08 18.93
C ILE B 363 -27.72 -38.49 19.80
N SER B 364 -27.54 -39.79 19.97
CA SER B 364 -26.43 -40.32 20.75
C SER B 364 -25.13 -40.16 19.97
N ALA B 365 -25.25 -40.14 18.64
CA ALA B 365 -24.10 -39.93 17.78
C ALA B 365 -23.69 -38.47 17.77
N LEU B 366 -24.67 -37.57 17.88
CA LEU B 366 -24.43 -36.14 17.87
C LEU B 366 -24.04 -35.62 19.25
N ARG B 367 -23.69 -36.53 20.15
CA ARG B 367 -23.27 -36.17 21.49
C ARG B 367 -21.91 -36.76 21.81
N THR B 368 -21.55 -37.83 21.11
CA THR B 368 -20.25 -38.48 21.32
C THR B 368 -19.27 -38.11 20.21
N LEU B 369 -19.73 -38.17 18.97
CA LEU B 369 -18.88 -37.85 17.82
C LEU B 369 -18.40 -36.39 17.77
N PRO B 370 -19.30 -35.41 17.99
CA PRO B 370 -18.80 -34.02 17.95
C PRO B 370 -17.89 -33.67 19.12
N VAL B 371 -16.73 -34.31 19.18
CA VAL B 371 -15.73 -33.98 20.19
C VAL B 371 -14.35 -34.15 19.56
N PHE B 372 -14.34 -34.61 18.32
CA PHE B 372 -13.10 -34.73 17.55
C PHE B 372 -12.81 -33.40 16.85
N LEU B 373 -13.81 -32.52 16.85
CA LEU B 373 -13.68 -31.22 16.21
C LEU B 373 -12.70 -30.31 16.95
N VAL B 374 -12.59 -30.50 18.27
CA VAL B 374 -11.67 -29.71 19.07
C VAL B 374 -10.28 -30.32 19.06
N LEU B 375 -10.15 -31.50 18.45
CA LEU B 375 -8.87 -32.18 18.35
C LEU B 375 -8.24 -31.92 16.98
N THR B 376 -9.10 -31.57 16.02
CA THR B 376 -8.65 -31.32 14.64
C THR B 376 -7.61 -30.20 14.42
N PRO B 377 -7.70 -29.07 15.16
CA PRO B 377 -6.70 -28.01 14.94
C PRO B 377 -5.26 -28.48 15.14
N PHE B 378 -5.02 -29.30 16.15
CA PHE B 378 -3.67 -29.75 16.47
C PHE B 378 -3.02 -30.52 15.31
N GLY B 379 -3.83 -31.06 14.42
CA GLY B 379 -3.33 -31.78 13.26
C GLY B 379 -3.49 -30.98 11.98
N MET B 380 -4.59 -30.24 11.88
CA MET B 380 -4.88 -29.44 10.69
C MET B 380 -3.94 -28.25 10.53
N MET B 381 -3.74 -27.50 11.61
CA MET B 381 -2.88 -26.32 11.56
C MET B 381 -1.40 -26.72 11.40
N THR B 382 -1.08 -27.95 11.77
CA THR B 382 0.28 -28.46 11.63
C THR B 382 0.58 -28.80 10.18
N SER B 383 -0.39 -29.42 9.51
CA SER B 383 -0.25 -29.78 8.10
C SER B 383 -0.34 -28.54 7.22
N ALA B 384 -1.14 -27.56 7.64
CA ALA B 384 -1.28 -26.32 6.90
C ALA B 384 -0.02 -25.47 6.98
N MET B 385 0.69 -25.58 8.10
CA MET B 385 1.94 -24.83 8.26
C MET B 385 3.11 -25.61 7.65
N PHE B 386 2.88 -26.90 7.42
CA PHE B 386 3.86 -27.74 6.72
C PHE B 386 3.90 -27.34 5.25
N GLN B 387 2.74 -27.01 4.70
CA GLN B 387 2.64 -26.56 3.33
C GLN B 387 3.19 -25.15 3.19
N GLY B 388 3.10 -24.38 4.27
CA GLY B 388 3.58 -23.01 4.28
C GLY B 388 5.08 -22.91 4.22
N ILE B 389 5.77 -23.85 4.85
CA ILE B 389 7.22 -23.85 4.88
C ILE B 389 7.82 -24.67 3.73
N GLY B 390 6.98 -25.06 2.79
CA GLY B 390 7.44 -25.75 1.59
C GLY B 390 7.67 -27.24 1.78
N GLU B 391 7.14 -27.80 2.85
CA GLU B 391 7.26 -29.23 3.11
C GLU B 391 5.90 -29.92 2.98
N GLY B 392 5.49 -30.18 1.75
CA GLY B 392 4.20 -30.77 1.48
C GLY B 392 4.15 -32.26 1.71
N GLU B 393 5.31 -32.92 1.63
CA GLU B 393 5.37 -34.37 1.84
C GLU B 393 5.02 -34.73 3.27
N LYS B 394 5.51 -33.93 4.22
CA LYS B 394 5.21 -34.13 5.63
C LYS B 394 3.73 -33.85 5.90
N SER B 395 3.16 -32.93 5.13
CA SER B 395 1.74 -32.63 5.21
C SER B 395 0.91 -33.82 4.73
N LEU B 396 1.44 -34.52 3.72
CA LEU B 396 0.76 -35.69 3.16
C LEU B 396 0.80 -36.87 4.12
N ILE B 397 1.98 -37.11 4.71
CA ILE B 397 2.14 -38.20 5.67
C ILE B 397 1.25 -38.01 6.89
N LEU B 398 1.17 -36.77 7.37
CA LEU B 398 0.39 -36.45 8.55
C LEU B 398 -1.11 -36.62 8.31
N THR B 399 -1.55 -36.33 7.08
CA THR B 399 -2.97 -36.43 6.73
C THR B 399 -3.40 -37.89 6.52
N ILE B 400 -2.54 -38.67 5.85
CA ILE B 400 -2.79 -40.08 5.64
C ILE B 400 -2.92 -40.79 6.98
N PHE B 401 -2.07 -40.39 7.92
CA PHE B 401 -2.11 -40.93 9.27
C PHE B 401 -3.38 -40.49 10.00
N ARG B 402 -3.82 -39.26 9.73
CA ARG B 402 -4.95 -38.67 10.44
C ARG B 402 -6.31 -39.19 9.97
N THR B 403 -6.47 -39.36 8.67
CA THR B 403 -7.79 -39.68 8.10
C THR B 403 -7.97 -41.15 7.72
N LEU B 404 -6.88 -41.85 7.47
CA LEU B 404 -6.97 -43.24 7.02
C LEU B 404 -6.47 -44.23 8.09
N VAL B 405 -5.26 -43.99 8.59
CA VAL B 405 -4.64 -44.90 9.55
C VAL B 405 -5.28 -44.82 10.94
N MET B 406 -5.61 -43.62 11.39
CA MET B 406 -6.17 -43.44 12.73
C MET B 406 -7.69 -43.32 12.73
N GLN B 407 -8.25 -42.60 11.75
CA GLN B 407 -9.68 -42.40 11.69
C GLN B 407 -10.42 -43.66 11.28
N VAL B 408 -10.02 -44.24 10.15
CA VAL B 408 -10.65 -45.47 9.65
C VAL B 408 -10.10 -46.69 10.39
N GLY B 409 -8.88 -46.58 10.89
CA GLY B 409 -8.24 -47.67 11.60
C GLY B 409 -8.93 -48.01 12.90
N PHE B 410 -9.05 -47.03 13.79
CA PHE B 410 -9.67 -47.24 15.08
C PHE B 410 -11.17 -47.50 14.98
N ALA B 411 -11.80 -46.97 13.95
CA ALA B 411 -13.23 -47.18 13.74
C ALA B 411 -13.51 -48.61 13.27
N TYR B 412 -12.62 -49.13 12.44
CA TYR B 412 -12.70 -50.51 11.98
C TYR B 412 -12.42 -51.44 13.16
N ILE B 413 -11.53 -51.00 14.03
CA ILE B 413 -11.10 -51.76 15.19
C ILE B 413 -12.19 -51.90 16.25
N PHE B 414 -12.92 -50.81 16.49
CA PHE B 414 -13.97 -50.81 17.51
C PHE B 414 -15.27 -51.45 17.05
N VAL B 415 -15.38 -51.74 15.76
CA VAL B 415 -16.60 -52.33 15.21
C VAL B 415 -16.44 -53.82 14.95
N HIS B 416 -15.22 -54.26 14.70
CA HIS B 416 -14.95 -55.66 14.36
C HIS B 416 -14.44 -56.48 15.55
N TYR B 417 -13.65 -55.84 16.41
CA TYR B 417 -13.06 -56.55 17.55
C TYR B 417 -13.84 -56.32 18.84
N THR B 418 -14.47 -55.16 18.95
CA THR B 418 -15.26 -54.83 20.15
C THR B 418 -16.72 -55.22 19.96
N THR B 419 -17.44 -55.34 21.08
CA THR B 419 -18.85 -55.72 21.04
C THR B 419 -19.70 -54.53 20.64
N LEU B 420 -19.10 -53.35 20.64
CA LEU B 420 -19.80 -52.12 20.27
C LEU B 420 -20.15 -52.10 18.79
N GLY B 421 -21.35 -51.62 18.48
CA GLY B 421 -21.77 -51.38 17.11
C GLY B 421 -22.20 -49.94 16.99
N LEU B 422 -21.89 -49.33 15.84
CA LEU B 422 -22.24 -47.93 15.58
C LEU B 422 -21.56 -46.95 16.54
N ARG B 423 -21.71 -47.19 17.84
CA ARG B 423 -21.05 -46.38 18.86
C ARG B 423 -19.54 -46.50 18.75
N GLY B 424 -19.06 -47.69 18.40
CA GLY B 424 -17.65 -47.93 18.22
C GLY B 424 -17.08 -47.11 17.08
N VAL B 425 -17.93 -46.81 16.10
CA VAL B 425 -17.52 -46.01 14.95
C VAL B 425 -17.22 -44.57 15.36
N TRP B 426 -18.09 -44.00 16.19
CA TRP B 426 -17.88 -42.63 16.66
C TRP B 426 -16.70 -42.54 17.61
N ILE B 427 -16.59 -43.52 18.51
CA ILE B 427 -15.48 -43.58 19.46
C ILE B 427 -14.16 -43.76 18.71
N GLY B 428 -14.20 -44.59 17.66
CA GLY B 428 -13.02 -44.84 16.85
C GLY B 428 -12.51 -43.59 16.15
N ILE B 429 -13.44 -42.74 15.72
CA ILE B 429 -13.09 -41.50 15.04
C ILE B 429 -12.49 -40.49 16.01
N VAL B 430 -13.11 -40.34 17.17
CA VAL B 430 -12.66 -39.36 18.15
C VAL B 430 -11.38 -39.78 18.86
N ILE B 431 -11.17 -41.09 19.00
CA ILE B 431 -9.95 -41.60 19.60
C ILE B 431 -8.80 -41.50 18.59
N GLY B 432 -9.08 -41.90 17.36
CA GLY B 432 -8.10 -41.82 16.28
C GLY B 432 -7.64 -40.39 16.05
N ASN B 433 -8.55 -39.44 16.21
CA ASN B 433 -8.22 -38.03 16.08
C ASN B 433 -7.37 -37.53 17.24
N MET B 434 -7.63 -38.06 18.44
CA MET B 434 -6.87 -37.68 19.62
C MET B 434 -5.40 -38.06 19.48
N VAL B 435 -5.15 -39.29 19.02
CA VAL B 435 -3.80 -39.76 18.77
C VAL B 435 -3.13 -38.94 17.68
N ALA B 436 -3.87 -38.69 16.60
CA ALA B 436 -3.36 -37.91 15.47
C ALA B 436 -3.06 -36.47 15.86
N ALA B 437 -3.80 -35.94 16.83
CA ALA B 437 -3.60 -34.58 17.31
C ALA B 437 -2.30 -34.47 18.11
N ILE B 438 -2.02 -35.50 18.91
CA ILE B 438 -0.81 -35.53 19.72
C ILE B 438 0.42 -35.68 18.83
N VAL B 439 0.34 -36.58 17.86
CA VAL B 439 1.43 -36.82 16.93
C VAL B 439 1.75 -35.57 16.11
N GLY B 440 0.71 -34.87 15.69
CA GLY B 440 0.86 -33.67 14.88
C GLY B 440 1.46 -32.48 15.61
N PHE B 441 0.89 -32.16 16.78
CA PHE B 441 1.34 -31.01 17.57
C PHE B 441 2.81 -31.10 17.97
N LEU B 442 3.27 -32.33 18.23
CA LEU B 442 4.66 -32.55 18.60
C LEU B 442 5.56 -32.52 17.37
N TRP B 443 5.04 -33.00 16.25
CA TRP B 443 5.79 -33.01 14.99
C TRP B 443 6.00 -31.58 14.51
N GLY B 444 4.97 -30.76 14.65
CA GLY B 444 5.04 -29.36 14.24
C GLY B 444 5.97 -28.56 15.12
N ARG B 445 5.93 -28.84 16.43
CA ARG B 445 6.81 -28.17 17.38
C ARG B 445 8.26 -28.59 17.21
N MET B 446 8.47 -29.81 16.72
CA MET B 446 9.81 -30.32 16.48
C MET B 446 10.45 -29.65 15.27
N ARG B 447 9.68 -29.47 14.21
CA ARG B 447 10.18 -28.83 13.00
C ARG B 447 10.38 -27.34 13.19
BR BNU C . 15.04 21.98 -0.68
CAP BNU C . 16.76 21.56 -1.28
CAF BNU C . 17.64 22.64 -1.23
CAT BNU C . 18.95 22.49 -1.61
CAS BNU C . 19.78 23.59 -1.56
OAC BNU C . 19.34 24.66 -1.17
CAQ BNU C . 21.12 23.43 -1.96
CAO BNU C . 22.04 24.50 -1.95
OAD BNU C . 21.69 25.66 -1.64
OAB BNU C . 23.20 24.28 -2.29
CAH BNU C . 21.56 22.18 -2.40
NAW BNU C . 20.66 21.10 -2.45
CAI BNU C . 21.09 19.77 -2.90
CAA BNU C . 22.33 19.35 -2.16
CAU BNU C . 19.40 21.27 -2.06
CAG BNU C . 18.54 20.18 -2.10
CAR BNU C . 17.21 20.27 -1.70
NAV BNU C . 16.49 19.13 -1.82
CAL BNU C . 15.02 19.00 -1.98
CAJ BNU C . 14.75 18.85 -3.48
NAN BNU C . 15.43 17.65 -3.98
CAK BNU C . 16.89 17.75 -3.78
CAM BNU C . 17.18 17.88 -2.30
#